data_4H0W
#
_entry.id   4H0W
#
_cell.length_a   73.907
_cell.length_b   90.165
_cell.length_c   111.032
_cell.angle_alpha   90.00
_cell.angle_beta   90.00
_cell.angle_gamma   90.00
#
_symmetry.space_group_name_H-M   'P 21 21 21'
#
loop_
_entity.id
_entity.type
_entity.pdbx_description
1 polymer Serotransferrin
2 non-polymer 'FE (III) ION'
3 non-polymer 'CARBONATE ION'
4 non-polymer 'Bismuth(III) ION'
5 non-polymer 2-acetamido-2-deoxy-beta-D-glucopyranose
6 non-polymer 'NITRILOTRIACETIC ACID'
7 water water
#
_entity_poly.entity_id   1
_entity_poly.type   'polypeptide(L)'
_entity_poly.pdbx_seq_one_letter_code
;VPDKTVRWCAVSEHEATKCQSFRDHMKSVIPSDGPSVACVKKASYLDCIRAIAANEADAVTLDAGLVYDAYLAPNNLKPV
VAEFYGSKEDPQTFYYAVAVVKKDSGFQMNQLRGKKSCHTGLGRSAGWNIPIGLLYCDLPEPRKPLEKAVANFFSGSCAP
CADGTDFPQLCQLCPGCGCSTLNQYFGYSGAFKCLKDGAGDVAFVKHSTIFENLANKADRDQYELLCLDNTRKPVDEYKD
CHLAQVPSHTVVARSMGGKEDLIWELLNQAQEHFGKDKSKEFQLFSSPHGKDLLFKDSAHGFLKVPPRMDAKMYLGYEYV
TAIRNLREGTCPEAPTDECKPVKWCALSHHERLKCDEWSVNSVGKIECVSAETTEDCIAKIMNGEADAMSLDGGFVYIAG
KCGLVPVLAENYNKSDNCEDTPEAGYFAIAVVKKSASDLTWDNLKGKKSCHTAVGRTAGWNIPMGLLYNKINHCRFDEFF
SEGCAPGSKKDSSLCKLCMGSGLNLCEPNNKEGYYGYTGAFRCLVEKGDVAFVKHQTVPQNTGGKNPDPWAKNLNEKDYE
LLCLDGTRKPVEEYANCHLARAPNHAVVTRKDKEACVHKILRQQQHLFGSNVTDCSGNFCLFRSETKDLLFRDDTVCLAK
LHDRNTYEKYLGEEYVKAVGNLRKCSTSSLLEACTFRRP
;
_entity_poly.pdbx_strand_id   A
#
loop_
_chem_comp.id
_chem_comp.type
_chem_comp.name
_chem_comp.formula
BS3 non-polymer 'Bismuth(III) ION' 'Bi 3'
CO3 non-polymer 'CARBONATE ION' 'C O3 -2'
FE non-polymer 'FE (III) ION' 'Fe 3'
NAG D-saccharide, beta linking 2-acetamido-2-deoxy-beta-D-glucopyranose 'C8 H15 N O6'
NTA non-polymer 'NITRILOTRIACETIC ACID' 'C6 H9 N O6'
#
# COMPACT_ATOMS: atom_id res chain seq x y z
N VAL A 1 28.55 0.27 -21.94
CA VAL A 1 28.38 0.86 -20.58
C VAL A 1 29.21 2.14 -20.39
N PRO A 2 28.57 3.21 -19.85
CA PRO A 2 29.27 4.45 -19.53
C PRO A 2 29.60 4.59 -18.04
N ASP A 3 29.09 5.66 -17.40
CA ASP A 3 29.47 6.02 -16.03
C ASP A 3 28.79 5.16 -14.96
N LYS A 4 29.62 4.46 -14.18
CA LYS A 4 29.13 3.56 -13.13
C LYS A 4 29.54 3.95 -11.72
N THR A 5 29.76 5.25 -11.52
CA THR A 5 30.16 5.76 -10.21
C THR A 5 28.96 6.28 -9.42
N VAL A 6 28.81 5.79 -8.20
CA VAL A 6 27.83 6.29 -7.26
C VAL A 6 28.55 7.32 -6.40
N ARG A 7 28.04 8.54 -6.39
CA ARG A 7 28.62 9.58 -5.53
C ARG A 7 27.92 9.53 -4.17
N TRP A 8 28.63 8.98 -3.17
CA TRP A 8 28.09 8.87 -1.83
C TRP A 8 28.31 10.15 -1.05
N CYS A 9 27.29 10.55 -0.28
CA CYS A 9 27.40 11.77 0.51
C CYS A 9 27.75 11.48 1.96
N ALA A 10 28.83 12.08 2.44
CA ALA A 10 29.24 11.94 3.84
C ALA A 10 28.96 13.24 4.61
N VAL A 11 28.64 13.10 5.88
CA VAL A 11 28.19 14.24 6.70
C VAL A 11 29.22 14.72 7.75
N SER A 12 30.35 14.02 7.85
CA SER A 12 31.42 14.40 8.78
C SER A 12 32.77 13.90 8.25
N GLU A 13 33.87 14.37 8.86
CA GLU A 13 35.20 13.93 8.45
C GLU A 13 35.39 12.42 8.66
N HIS A 14 34.80 11.87 9.71
CA HIS A 14 34.88 10.44 9.99
C HIS A 14 34.15 9.61 8.94
N GLU A 15 32.94 10.03 8.56
CA GLU A 15 32.20 9.38 7.47
C GLU A 15 32.99 9.49 6.18
N ALA A 16 33.54 10.66 5.90
CA ALA A 16 34.33 10.90 4.69
C ALA A 16 35.56 9.99 4.62
N THR A 17 36.13 9.71 5.79
CA THR A 17 37.23 8.77 5.90
C THR A 17 36.78 7.35 5.58
N LYS A 18 35.67 6.92 6.18
CA LYS A 18 35.13 5.57 5.95
C LYS A 18 34.68 5.37 4.51
N CYS A 19 34.06 6.39 3.93
CA CYS A 19 33.64 6.36 2.53
C CYS A 19 34.84 6.15 1.58
N GLN A 20 35.96 6.80 1.89
CA GLN A 20 37.18 6.69 1.08
C GLN A 20 37.79 5.30 1.14
N SER A 21 37.74 4.68 2.32
CA SER A 21 38.18 3.31 2.52
C SER A 21 37.23 2.38 1.76
N PHE A 22 35.94 2.71 1.83
CA PHE A 22 34.89 2.04 1.09
C PHE A 22 35.20 2.03 -0.41
N ARG A 23 35.50 3.18 -1.00
CA ARG A 23 35.88 3.25 -2.41
C ARG A 23 37.10 2.36 -2.74
N ASP A 24 38.14 2.45 -1.91
CA ASP A 24 39.40 1.73 -2.15
C ASP A 24 39.25 0.21 -2.11
N HIS A 25 38.52 -0.29 -1.11
CA HIS A 25 38.36 -1.73 -0.96
C HIS A 25 37.48 -2.36 -2.05
N MET A 26 36.50 -1.58 -2.52
CA MET A 26 35.65 -1.99 -3.65
C MET A 26 36.44 -2.05 -4.95
N LYS A 27 37.29 -1.05 -5.17
CA LYS A 27 38.16 -1.04 -6.36
C LYS A 27 39.11 -2.24 -6.40
N SER A 28 39.38 -2.85 -5.24
CA SER A 28 40.31 -3.98 -5.16
C SER A 28 39.65 -5.33 -5.44
N VAL A 29 38.33 -5.40 -5.32
CA VAL A 29 37.60 -6.67 -5.52
C VAL A 29 36.54 -6.65 -6.63
N ILE A 30 36.07 -5.46 -7.00
CA ILE A 30 35.09 -5.30 -8.09
C ILE A 30 35.84 -5.02 -9.39
N PRO A 31 35.44 -5.68 -10.50
CA PRO A 31 36.13 -5.41 -11.76
C PRO A 31 35.67 -4.09 -12.39
N SER A 32 36.40 -3.63 -13.42
CA SER A 32 36.21 -2.31 -14.01
C SER A 32 34.84 -2.04 -14.62
N ASP A 33 34.11 -3.10 -14.97
CA ASP A 33 32.75 -2.95 -15.51
C ASP A 33 31.70 -3.00 -14.39
N GLY A 34 32.17 -2.95 -13.14
CA GLY A 34 31.29 -2.95 -11.99
C GLY A 34 31.09 -1.57 -11.37
N PRO A 35 30.34 -1.50 -10.26
CA PRO A 35 30.08 -0.22 -9.60
C PRO A 35 31.27 0.27 -8.77
N SER A 36 31.44 1.58 -8.69
CA SER A 36 32.45 2.19 -7.84
C SER A 36 31.82 3.29 -6.98
N VAL A 37 32.55 3.76 -5.96
CA VAL A 37 32.06 4.83 -5.08
C VAL A 37 32.94 6.06 -5.23
N ALA A 38 32.32 7.23 -5.15
CA ALA A 38 33.05 8.50 -5.00
C ALA A 38 32.50 9.20 -3.77
N CYS A 39 33.35 9.96 -3.08
CA CYS A 39 32.94 10.56 -1.82
C CYS A 39 32.88 12.07 -1.90
N VAL A 40 31.70 12.59 -1.53
CA VAL A 40 31.45 14.02 -1.44
C VAL A 40 31.17 14.33 0.02
N LYS A 41 32.00 15.19 0.60
CA LYS A 41 31.85 15.54 2.01
C LYS A 41 31.03 16.81 2.19
N LYS A 42 29.93 16.70 2.94
CA LYS A 42 29.11 17.86 3.30
C LYS A 42 29.07 18.00 4.82
N ALA A 43 28.36 19.01 5.30
CA ALA A 43 28.41 19.38 6.72
C ALA A 43 27.19 18.90 7.54
N SER A 44 26.15 18.45 6.86
CA SER A 44 24.91 18.01 7.53
C SER A 44 24.08 17.10 6.63
N TYR A 45 23.08 16.43 7.20
CA TYR A 45 22.19 15.58 6.43
C TYR A 45 21.35 16.35 5.40
N LEU A 46 20.96 17.57 5.76
CA LEU A 46 20.18 18.43 4.86
C LEU A 46 21.02 18.85 3.64
N ASP A 47 22.28 19.21 3.86
CA ASP A 47 23.21 19.54 2.78
C ASP A 47 23.44 18.36 1.80
N CYS A 48 23.39 17.14 2.31
CA CYS A 48 23.47 15.95 1.45
C CYS A 48 22.21 15.82 0.58
N ILE A 49 21.05 16.02 1.22
CA ILE A 49 19.76 15.99 0.55
C ILE A 49 19.72 17.01 -0.58
N ARG A 50 20.17 18.22 -0.28
CA ARG A 50 20.22 19.29 -1.28
C ARG A 50 21.18 18.97 -2.41
N ALA A 51 22.37 18.50 -2.08
CA ALA A 51 23.37 18.13 -3.09
C ALA A 51 22.88 17.02 -4.02
N ILE A 52 22.17 16.04 -3.46
CA ILE A 52 21.62 14.93 -4.27
C ILE A 52 20.59 15.46 -5.27
N ALA A 53 19.67 16.28 -4.79
CA ALA A 53 18.66 16.91 -5.66
C ALA A 53 19.27 17.75 -6.78
N ALA A 54 20.38 18.42 -6.48
CA ALA A 54 21.04 19.28 -7.45
C ALA A 54 22.12 18.53 -8.26
N ASN A 55 21.99 17.20 -8.30
CA ASN A 55 22.83 16.32 -9.12
C ASN A 55 24.33 16.45 -8.84
N GLU A 56 24.67 16.85 -7.61
CA GLU A 56 26.07 16.90 -7.20
C GLU A 56 26.46 15.66 -6.38
N ALA A 57 25.46 14.87 -6.03
CA ALA A 57 25.64 13.60 -5.32
C ALA A 57 24.48 12.65 -5.67
N ASP A 58 24.56 11.40 -5.22
CA ASP A 58 23.59 10.38 -5.65
C ASP A 58 22.91 9.63 -4.51
N ALA A 59 23.60 9.45 -3.38
CA ALA A 59 23.06 8.63 -2.29
C ALA A 59 23.49 9.06 -0.89
N VAL A 60 22.60 8.84 0.08
CA VAL A 60 22.86 9.04 1.50
C VAL A 60 21.85 8.21 2.30
N THR A 61 22.26 7.66 3.44
CA THR A 61 21.37 6.85 4.27
C THR A 61 20.76 7.73 5.37
N LEU A 62 19.44 7.69 5.47
CA LEU A 62 18.71 8.60 6.34
C LEU A 62 17.75 7.92 7.34
N ASP A 63 17.69 8.46 8.55
CA ASP A 63 16.61 8.15 9.47
C ASP A 63 15.28 8.60 8.85
N ALA A 64 14.18 8.06 9.38
CA ALA A 64 12.86 8.28 8.78
C ALA A 64 12.47 9.75 8.73
N GLY A 65 12.79 10.48 9.81
CA GLY A 65 12.55 11.92 9.89
C GLY A 65 13.16 12.68 8.72
N LEU A 66 14.38 12.33 8.34
CA LEU A 66 15.01 12.98 7.20
C LEU A 66 14.53 12.47 5.84
N VAL A 67 14.13 11.20 5.80
CA VAL A 67 13.48 10.62 4.61
C VAL A 67 12.22 11.43 4.28
N TYR A 68 11.47 11.79 5.30
CA TYR A 68 10.35 12.71 5.13
C TYR A 68 10.81 14.07 4.59
N ASP A 69 11.79 14.69 5.25
CA ASP A 69 12.30 15.99 4.81
C ASP A 69 12.84 15.93 3.38
N ALA A 70 13.50 14.82 3.04
CA ALA A 70 14.05 14.63 1.70
C ALA A 70 13.00 14.50 0.61
N TYR A 71 11.79 14.08 0.96
CA TYR A 71 10.77 13.85 -0.06
C TYR A 71 10.08 15.16 -0.48
N LEU A 72 10.05 16.13 0.44
CA LEU A 72 9.42 17.42 0.20
C LEU A 72 10.10 18.21 -0.91
N ALA A 73 9.31 19.00 -1.61
CA ALA A 73 9.80 19.98 -2.57
C ALA A 73 10.79 20.94 -1.89
N PRO A 74 11.84 21.35 -2.61
CA PRO A 74 12.14 21.00 -4.00
C PRO A 74 13.21 19.90 -4.10
N ASN A 75 13.26 19.03 -3.10
CA ASN A 75 14.24 17.95 -3.08
C ASN A 75 13.77 16.73 -3.86
N ASN A 76 12.53 16.29 -3.59
CA ASN A 76 11.87 15.22 -4.36
C ASN A 76 12.69 13.93 -4.38
N LEU A 77 13.29 13.57 -3.24
CA LEU A 77 14.07 12.33 -3.16
C LEU A 77 13.18 11.16 -2.80
N LYS A 78 13.63 9.95 -3.12
CA LYS A 78 12.88 8.74 -2.77
C LYS A 78 13.78 7.64 -2.19
N PRO A 79 13.21 6.79 -1.33
CA PRO A 79 13.92 5.63 -0.79
C PRO A 79 14.24 4.62 -1.87
N VAL A 80 15.45 4.03 -1.86
CA VAL A 80 15.85 3.08 -2.90
C VAL A 80 16.48 1.78 -2.39
N VAL A 81 17.14 1.86 -1.23
CA VAL A 81 17.74 0.69 -0.60
C VAL A 81 17.51 0.79 0.92
N ALA A 82 17.13 -0.33 1.52
CA ALA A 82 16.85 -0.40 2.95
C ALA A 82 17.92 -1.19 3.69
N GLU A 83 18.30 -0.72 4.88
CA GLU A 83 19.08 -1.52 5.81
C GLU A 83 18.17 -2.49 6.54
N PHE A 84 18.58 -3.75 6.68
CA PHE A 84 17.83 -4.68 7.53
C PHE A 84 18.66 -5.11 8.72
N TYR A 85 18.02 -5.67 9.75
CA TYR A 85 18.65 -5.80 11.07
C TYR A 85 18.56 -7.16 11.76
N GLY A 86 17.74 -8.05 11.21
CA GLY A 86 17.58 -9.38 11.79
C GLY A 86 18.35 -10.43 11.01
N SER A 87 17.67 -11.54 10.72
CA SER A 87 18.23 -12.59 9.89
C SER A 87 18.00 -12.25 8.43
N LYS A 88 18.71 -12.94 7.54
CA LYS A 88 18.50 -12.76 6.10
C LYS A 88 17.16 -13.39 5.66
N GLU A 89 16.64 -14.27 6.50
CA GLU A 89 15.35 -14.94 6.27
C GLU A 89 14.20 -14.20 6.96
N ASP A 90 14.53 -13.48 8.05
CA ASP A 90 13.57 -12.61 8.75
C ASP A 90 14.12 -11.18 8.89
N PRO A 91 14.32 -10.47 7.75
CA PRO A 91 14.83 -9.10 7.78
C PRO A 91 13.87 -8.17 8.47
N GLN A 92 14.40 -7.27 9.30
CA GLN A 92 13.58 -6.34 10.07
C GLN A 92 13.83 -4.90 9.65
N THR A 93 13.40 -4.54 8.44
CA THR A 93 13.66 -3.19 7.90
C THR A 93 12.86 -2.08 8.59
N PHE A 94 11.77 -2.45 9.25
CA PHE A 94 10.89 -1.50 9.90
C PHE A 94 10.84 -1.75 11.41
N TYR A 95 10.67 -0.69 12.19
CA TYR A 95 10.22 -0.88 13.55
C TYR A 95 8.79 -0.39 13.69
N TYR A 96 8.16 -0.75 14.80
CA TYR A 96 6.81 -0.30 15.07
C TYR A 96 6.83 0.53 16.34
N ALA A 97 6.44 1.79 16.20
CA ALA A 97 6.28 2.63 17.38
C ALA A 97 4.98 2.20 18.07
N VAL A 98 5.07 1.94 19.37
CA VAL A 98 3.92 1.46 20.15
C VAL A 98 3.74 2.22 21.46
N ALA A 99 2.54 2.10 22.04
CA ALA A 99 2.25 2.64 23.37
C ALA A 99 1.92 1.46 24.27
N VAL A 100 2.88 1.08 25.10
CA VAL A 100 2.73 -0.05 26.02
C VAL A 100 2.18 0.38 27.37
N VAL A 101 1.25 -0.41 27.88
CA VAL A 101 0.65 -0.18 29.19
C VAL A 101 0.59 -1.50 29.94
N LYS A 102 0.35 -1.45 31.25
CA LYS A 102 0.10 -2.65 32.04
C LYS A 102 -1.29 -3.17 31.71
N LYS A 103 -1.40 -4.51 31.67
CA LYS A 103 -2.70 -5.17 31.59
C LYS A 103 -3.63 -4.67 32.70
N ASP A 104 -4.89 -4.42 32.33
CA ASP A 104 -5.96 -4.06 33.26
C ASP A 104 -5.82 -2.68 33.93
N SER A 105 -5.03 -1.80 33.34
CA SER A 105 -4.92 -0.42 33.84
C SER A 105 -6.11 0.50 33.45
N GLY A 106 -7.04 0.00 32.64
CA GLY A 106 -8.36 0.60 32.52
C GLY A 106 -8.47 1.91 31.75
N PHE A 107 -7.68 2.08 30.69
CA PHE A 107 -7.81 3.27 29.85
C PHE A 107 -7.33 3.04 28.42
N GLN A 108 -7.98 3.72 27.50
CA GLN A 108 -7.62 3.68 26.09
C GLN A 108 -6.76 4.87 25.63
N MET A 109 -6.33 4.84 24.37
CA MET A 109 -5.57 5.93 23.74
C MET A 109 -6.26 7.29 23.86
N ASN A 110 -7.59 7.32 23.75
CA ASN A 110 -8.33 8.58 23.89
C ASN A 110 -8.49 9.04 25.34
N GLN A 111 -7.79 8.38 26.26
CA GLN A 111 -7.83 8.75 27.67
C GLN A 111 -6.43 8.97 28.24
N LEU A 112 -5.47 9.33 27.39
CA LEU A 112 -4.08 9.48 27.84
C LEU A 112 -3.86 10.77 28.61
N ARG A 113 -4.83 11.68 28.58
CA ARG A 113 -4.70 12.94 29.30
C ARG A 113 -4.81 12.64 30.81
N GLY A 114 -3.94 13.26 31.61
CA GLY A 114 -3.91 12.98 33.04
C GLY A 114 -3.13 11.74 33.47
N LYS A 115 -2.61 10.98 32.50
CA LYS A 115 -1.77 9.81 32.81
C LYS A 115 -0.31 10.18 33.00
N LYS A 116 0.45 9.29 33.62
CA LYS A 116 1.90 9.41 33.72
C LYS A 116 2.56 8.74 32.52
N SER A 117 3.40 9.48 31.81
CA SER A 117 3.97 8.99 30.55
C SER A 117 5.48 8.84 30.59
N CYS A 118 5.99 7.76 30.01
CA CYS A 118 7.43 7.53 29.90
C CYS A 118 7.92 7.70 28.45
N HIS A 119 8.95 8.53 28.28
CA HIS A 119 9.49 8.80 26.95
C HIS A 119 10.96 8.40 26.89
N THR A 120 11.42 8.04 25.69
CA THR A 120 12.83 7.65 25.50
C THR A 120 13.74 8.88 25.59
N GLY A 121 13.24 10.00 25.07
CA GLY A 121 14.00 11.23 25.05
C GLY A 121 13.27 12.26 24.24
N LEU A 122 13.46 13.53 24.61
CA LEU A 122 12.88 14.64 23.87
C LEU A 122 13.40 14.66 22.43
N GLY A 123 12.47 14.82 21.49
CA GLY A 123 12.79 14.90 20.08
C GLY A 123 13.19 13.58 19.46
N ARG A 124 13.03 12.49 20.20
CA ARG A 124 13.25 11.17 19.65
C ARG A 124 12.00 10.69 18.93
N SER A 125 12.16 9.72 18.04
CA SER A 125 11.11 9.30 17.14
C SER A 125 9.97 8.52 17.84
N ALA A 126 10.25 7.29 18.26
CA ALA A 126 9.23 6.46 18.92
C ALA A 126 8.78 7.04 20.26
N GLY A 127 9.72 7.63 20.99
CA GLY A 127 9.45 8.11 22.34
C GLY A 127 8.86 9.50 22.43
N TRP A 128 8.78 10.20 21.31
CA TRP A 128 8.33 11.60 21.32
C TRP A 128 7.65 12.04 20.03
N ASN A 129 8.40 12.17 18.94
CA ASN A 129 7.87 12.71 17.70
C ASN A 129 6.59 12.02 17.23
N ILE A 130 6.56 10.69 17.30
CA ILE A 130 5.41 9.94 16.83
C ILE A 130 4.20 10.07 17.78
N PRO A 131 4.34 9.73 19.09
CA PRO A 131 3.12 9.86 19.90
C PRO A 131 2.62 11.30 20.02
N ILE A 132 3.54 12.24 20.22
CA ILE A 132 3.17 13.65 20.37
C ILE A 132 2.55 14.19 19.06
N GLY A 133 3.15 13.82 17.93
CA GLY A 133 2.57 14.15 16.62
C GLY A 133 1.14 13.66 16.49
N LEU A 134 0.90 12.41 16.91
CA LEU A 134 -0.45 11.83 16.85
C LEU A 134 -1.45 12.42 17.84
N LEU A 135 -0.97 12.82 19.00
CA LEU A 135 -1.79 13.45 20.02
C LEU A 135 -1.93 14.94 19.80
N TYR A 136 -1.20 15.49 18.82
CA TYR A 136 -1.03 16.94 18.70
C TYR A 136 -2.32 17.71 18.87
N CYS A 137 -3.32 17.41 18.03
CA CYS A 137 -4.62 18.07 18.11
C CYS A 137 -5.40 17.88 19.44
N ASP A 138 -5.04 16.87 20.24
CA ASP A 138 -5.64 16.70 21.57
C ASP A 138 -4.97 17.54 22.66
N LEU A 139 -3.79 18.11 22.37
CA LEU A 139 -3.07 18.94 23.35
C LEU A 139 -3.77 20.28 23.53
N PRO A 140 -3.70 20.87 24.74
CA PRO A 140 -4.36 22.16 24.97
C PRO A 140 -3.62 23.32 24.31
N GLU A 141 -4.37 24.33 23.88
CA GLU A 141 -3.79 25.53 23.29
C GLU A 141 -3.27 26.46 24.39
N PRO A 142 -2.17 27.21 24.13
CA PRO A 142 -1.35 27.19 22.91
C PRO A 142 -0.44 25.96 22.87
N ARG A 143 -0.33 25.35 21.69
CA ARG A 143 0.39 24.09 21.54
C ARG A 143 1.91 24.28 21.41
N LYS A 144 2.36 25.53 21.27
CA LYS A 144 3.78 25.84 21.35
C LYS A 144 4.05 27.02 22.30
N PRO A 145 5.12 26.90 23.13
CA PRO A 145 6.11 25.81 23.22
C PRO A 145 5.52 24.43 23.46
N LEU A 146 5.94 23.46 22.65
CA LEU A 146 5.39 22.11 22.67
C LEU A 146 5.55 21.39 24.01
N GLU A 147 6.71 21.56 24.63
CA GLU A 147 7.00 20.88 25.89
C GLU A 147 5.99 21.27 26.97
N LYS A 148 5.57 22.53 26.93
CA LYS A 148 4.60 23.07 27.89
C LYS A 148 3.20 22.48 27.66
N ALA A 149 2.80 22.35 26.41
CA ALA A 149 1.51 21.75 26.08
C ALA A 149 1.44 20.29 26.53
N VAL A 150 2.53 19.55 26.32
CA VAL A 150 2.66 18.15 26.73
C VAL A 150 2.65 18.04 28.26
N ALA A 151 3.37 18.93 28.94
CA ALA A 151 3.40 18.97 30.41
C ALA A 151 2.02 19.21 31.03
N ASN A 152 1.14 19.85 30.25
CA ASN A 152 -0.23 20.10 30.67
C ASN A 152 -1.14 18.96 30.26
N PHE A 153 -0.73 18.19 29.26
CA PHE A 153 -1.54 17.05 28.81
C PHE A 153 -1.42 15.86 29.77
N PHE A 154 -0.18 15.42 30.02
CA PHE A 154 0.08 14.37 31.00
C PHE A 154 0.21 14.94 32.43
N SER A 155 -0.24 14.20 33.44
CA SER A 155 -0.09 14.61 34.83
C SER A 155 1.37 14.61 35.30
N GLY A 156 2.19 13.74 34.70
CA GLY A 156 3.61 13.68 35.02
C GLY A 156 4.34 12.87 33.98
N SER A 157 5.64 13.09 33.84
CA SER A 157 6.40 12.37 32.80
C SER A 157 7.84 12.15 33.14
N CYS A 158 8.46 11.28 32.35
CA CYS A 158 9.90 11.29 32.18
C CYS A 158 10.14 11.62 30.73
N ALA A 159 10.75 12.77 30.49
CA ALA A 159 11.19 13.14 29.16
C ALA A 159 12.65 13.57 29.23
N PRO A 160 13.57 12.60 29.07
CA PRO A 160 15.01 12.88 29.11
C PRO A 160 15.38 13.95 28.10
N CYS A 161 16.32 14.83 28.49
CA CYS A 161 16.83 15.94 27.67
C CYS A 161 15.93 17.17 27.64
N ALA A 162 14.75 17.08 28.25
CA ALA A 162 13.85 18.22 28.36
C ALA A 162 14.34 19.18 29.44
N ASP A 163 13.96 20.45 29.32
CA ASP A 163 14.29 21.44 30.31
C ASP A 163 13.41 21.27 31.56
N GLY A 164 14.02 20.82 32.65
CA GLY A 164 13.33 20.62 33.92
C GLY A 164 12.99 21.89 34.69
N THR A 165 13.66 22.99 34.35
CA THR A 165 13.39 24.28 35.00
C THR A 165 12.11 24.91 34.45
N ASP A 166 12.01 24.98 33.13
CA ASP A 166 10.85 25.57 32.46
C ASP A 166 9.63 24.65 32.54
N PHE A 167 9.87 23.35 32.48
CA PHE A 167 8.80 22.36 32.45
C PHE A 167 9.03 21.25 33.49
N PRO A 168 8.77 21.55 34.78
CA PRO A 168 9.09 20.61 35.87
C PRO A 168 8.33 19.29 35.82
N GLN A 169 7.07 19.34 35.37
CA GLN A 169 6.21 18.15 35.31
C GLN A 169 6.71 17.08 34.33
N LEU A 170 7.46 17.51 33.32
CA LEU A 170 8.12 16.60 32.40
C LEU A 170 9.20 15.73 33.04
N CYS A 171 9.59 16.07 34.27
CA CYS A 171 10.67 15.39 34.98
C CYS A 171 10.24 14.66 36.24
N GLN A 172 8.96 14.75 36.61
CA GLN A 172 8.44 14.17 37.85
C GLN A 172 8.88 12.71 38.06
N LEU A 173 8.95 11.95 36.96
CA LEU A 173 9.32 10.53 37.04
C LEU A 173 10.83 10.29 36.98
N CYS A 174 11.56 11.28 36.48
CA CYS A 174 13.03 11.22 36.44
C CYS A 174 13.63 12.60 36.74
N PRO A 175 13.72 12.96 38.04
CA PRO A 175 14.16 14.29 38.47
C PRO A 175 15.45 14.75 37.79
N GLY A 176 15.39 15.91 37.16
CA GLY A 176 16.51 16.46 36.40
C GLY A 176 16.45 16.17 34.91
N CYS A 177 15.61 15.20 34.52
CA CYS A 177 15.46 14.74 33.13
C CYS A 177 16.80 14.47 32.45
N GLY A 178 17.66 13.70 33.13
CA GLY A 178 19.01 13.42 32.68
C GLY A 178 19.11 12.89 31.25
N CYS A 179 19.75 13.68 30.39
CA CYS A 179 19.98 13.33 28.99
C CYS A 179 21.19 12.41 28.86
N SER A 180 21.05 11.20 29.42
CA SER A 180 22.18 10.28 29.54
C SER A 180 21.77 8.99 30.23
N THR A 181 22.55 7.94 29.99
CA THR A 181 22.28 6.61 30.52
C THR A 181 22.39 6.50 32.04
N LEU A 182 22.98 7.50 32.69
CA LEU A 182 23.03 7.56 34.16
C LEU A 182 21.64 7.75 34.78
N ASN A 183 20.70 8.21 33.96
CA ASN A 183 19.29 8.23 34.30
C ASN A 183 18.70 6.86 33.96
N GLN A 184 18.12 6.22 34.98
CA GLN A 184 17.56 4.87 34.85
C GLN A 184 16.38 4.78 33.88
N TYR A 185 15.75 5.92 33.59
CA TYR A 185 14.61 5.92 32.67
C TYR A 185 14.89 6.50 31.29
N PHE A 186 16.17 6.62 30.96
CA PHE A 186 16.61 7.13 29.66
C PHE A 186 16.59 6.05 28.58
N GLY A 187 16.20 6.44 27.36
CA GLY A 187 16.27 5.56 26.20
C GLY A 187 15.17 4.52 26.12
N TYR A 188 15.37 3.54 25.24
CA TYR A 188 14.39 2.48 25.02
C TYR A 188 14.18 1.68 26.28
N SER A 189 15.24 1.03 26.75
CA SER A 189 15.15 0.19 27.94
C SER A 189 14.72 1.01 29.15
N GLY A 190 15.23 2.24 29.26
CA GLY A 190 14.87 3.12 30.35
C GLY A 190 13.39 3.51 30.42
N ALA A 191 12.79 3.83 29.28
CA ALA A 191 11.38 4.20 29.23
C ALA A 191 10.48 3.02 29.54
N PHE A 192 10.91 1.83 29.11
CA PHE A 192 10.21 0.60 29.48
C PHE A 192 10.32 0.30 30.97
N LYS A 193 11.51 0.43 31.55
CA LYS A 193 11.70 0.25 32.99
C LYS A 193 10.80 1.19 33.78
N CYS A 194 10.66 2.43 33.28
CA CYS A 194 9.75 3.43 33.85
C CYS A 194 8.32 2.91 33.99
N LEU A 195 7.86 2.16 32.98
CA LEU A 195 6.57 1.47 33.03
C LEU A 195 6.60 0.23 33.93
N LYS A 196 7.62 -0.61 33.77
CA LYS A 196 7.80 -1.83 34.57
C LYS A 196 7.79 -1.55 36.08
N ASP A 197 8.40 -0.43 36.47
CA ASP A 197 8.55 -0.06 37.88
C ASP A 197 7.28 0.52 38.52
N GLY A 198 6.27 0.80 37.70
CA GLY A 198 5.03 1.41 38.19
C GLY A 198 5.10 2.93 38.26
N ALA A 199 6.19 3.51 37.77
CA ALA A 199 6.39 4.95 37.81
C ALA A 199 5.49 5.64 36.79
N GLY A 200 5.44 5.11 35.57
CA GLY A 200 4.53 5.61 34.55
C GLY A 200 3.41 4.65 34.23
N ASP A 201 2.38 5.17 33.57
CA ASP A 201 1.22 4.39 33.18
C ASP A 201 1.33 3.90 31.74
N VAL A 202 2.22 4.53 30.97
CA VAL A 202 2.37 4.27 29.55
C VAL A 202 3.79 4.60 29.11
N ALA A 203 4.39 3.71 28.33
CA ALA A 203 5.70 3.97 27.73
C ALA A 203 5.59 4.01 26.21
N PHE A 204 6.24 5.01 25.62
CA PHE A 204 6.27 5.12 24.16
C PHE A 204 7.63 4.67 23.67
N VAL A 205 7.60 3.56 22.96
CA VAL A 205 8.78 2.77 22.78
C VAL A 205 8.64 1.96 21.49
N LYS A 206 9.69 1.27 21.07
CA LYS A 206 9.60 0.39 19.92
C LYS A 206 9.03 -0.98 20.31
N HIS A 207 8.40 -1.65 19.35
CA HIS A 207 7.90 -3.01 19.60
C HIS A 207 9.05 -3.94 20.04
N SER A 208 10.23 -3.73 19.48
CA SER A 208 11.39 -4.56 19.80
C SER A 208 11.86 -4.34 21.24
N THR A 209 11.61 -3.14 21.76
CA THR A 209 12.00 -2.81 23.12
C THR A 209 11.37 -3.76 24.15
N ILE A 210 10.10 -4.09 23.94
CA ILE A 210 9.36 -4.98 24.82
C ILE A 210 9.95 -6.39 24.76
N PHE A 211 10.16 -6.86 23.53
CA PHE A 211 10.62 -8.21 23.28
C PHE A 211 12.03 -8.46 23.80
N GLU A 212 12.82 -7.39 23.90
CA GLU A 212 14.19 -7.54 24.38
C GLU A 212 14.36 -7.26 25.89
N ASN A 213 13.32 -6.73 26.51
CA ASN A 213 13.32 -6.51 27.96
C ASN A 213 12.43 -7.47 28.74
N LEU A 214 11.79 -8.40 28.02
CA LEU A 214 10.96 -9.44 28.61
C LEU A 214 11.36 -10.80 28.07
N ALA A 215 11.50 -11.76 28.98
CA ALA A 215 11.99 -13.10 28.63
C ALA A 215 10.97 -13.95 27.87
N ASN A 216 9.69 -13.71 28.10
CA ASN A 216 8.65 -14.69 27.78
C ASN A 216 7.34 -14.11 27.34
N LYS A 217 6.55 -14.94 26.65
CA LYS A 217 5.16 -14.60 26.36
C LYS A 217 4.33 -14.39 27.64
N ALA A 218 4.50 -15.27 28.63
CA ALA A 218 3.90 -15.07 29.95
C ALA A 218 4.25 -13.70 30.54
N ASP A 219 5.49 -13.24 30.30
CA ASP A 219 5.89 -11.90 30.70
C ASP A 219 5.18 -10.84 29.86
N ARG A 220 5.11 -11.07 28.55
CA ARG A 220 4.45 -10.13 27.63
C ARG A 220 2.93 -10.01 27.86
N ASP A 221 2.31 -11.12 28.26
CA ASP A 221 0.88 -11.13 28.61
C ASP A 221 0.54 -10.26 29.83
N GLN A 222 1.55 -9.74 30.51
CA GLN A 222 1.33 -8.85 31.64
C GLN A 222 1.23 -7.38 31.19
N TYR A 223 1.41 -7.16 29.89
CA TYR A 223 1.36 -5.83 29.29
C TYR A 223 0.35 -5.85 28.16
N GLU A 224 0.01 -4.67 27.64
CA GLU A 224 -0.92 -4.53 26.52
C GLU A 224 -0.47 -3.37 25.64
N LEU A 225 -1.03 -3.28 24.44
CA LEU A 225 -0.76 -2.16 23.56
C LEU A 225 -2.00 -1.31 23.37
N LEU A 226 -1.79 0.00 23.25
CA LEU A 226 -2.86 0.93 22.94
C LEU A 226 -3.00 1.00 21.43
N CYS A 227 -4.19 0.71 20.94
CA CYS A 227 -4.47 0.80 19.50
C CYS A 227 -5.14 2.12 19.17
N LEU A 228 -4.95 2.58 17.94
CA LEU A 228 -5.48 3.86 17.51
C LEU A 228 -7.00 3.94 17.47
N ASP A 229 -7.66 2.78 17.44
CA ASP A 229 -9.14 2.72 17.43
C ASP A 229 -9.75 2.66 18.84
N ASN A 230 -8.94 2.93 19.85
CA ASN A 230 -9.36 2.97 21.26
C ASN A 230 -9.76 1.62 21.83
N THR A 231 -8.99 0.60 21.46
CA THR A 231 -9.09 -0.73 22.04
C THR A 231 -7.68 -1.10 22.48
N ARG A 232 -7.55 -2.17 23.26
CA ARG A 232 -6.25 -2.74 23.56
C ARG A 232 -6.08 -4.10 22.89
N LYS A 233 -4.84 -4.42 22.54
CA LYS A 233 -4.50 -5.73 21.99
C LYS A 233 -3.23 -6.23 22.68
N PRO A 234 -3.01 -7.55 22.70
CA PRO A 234 -1.77 -8.13 23.23
C PRO A 234 -0.54 -7.59 22.53
N VAL A 235 0.58 -7.53 23.27
CA VAL A 235 1.85 -7.06 22.73
C VAL A 235 2.30 -7.80 21.47
N ASP A 236 2.03 -9.11 21.39
CA ASP A 236 2.40 -9.94 20.23
C ASP A 236 1.68 -9.52 18.94
N GLU A 237 0.61 -8.75 19.08
CA GLU A 237 -0.16 -8.29 17.93
C GLU A 237 0.19 -6.85 17.54
N TYR A 238 1.45 -6.47 17.77
CA TYR A 238 1.98 -5.15 17.41
C TYR A 238 1.76 -4.76 15.95
N LYS A 239 1.81 -5.74 15.05
CA LYS A 239 1.51 -5.50 13.62
C LYS A 239 0.13 -4.92 13.38
N ASP A 240 -0.82 -5.20 14.28
CA ASP A 240 -2.19 -4.74 14.16
C ASP A 240 -2.54 -3.67 15.21
N CYS A 241 -1.55 -3.29 16.03
CA CYS A 241 -1.78 -2.35 17.13
C CYS A 241 -0.55 -1.48 17.40
N HIS A 242 -0.29 -0.55 16.48
CA HIS A 242 0.85 0.34 16.61
C HIS A 242 0.48 1.79 16.28
N LEU A 243 1.35 2.72 16.66
CA LEU A 243 1.12 4.13 16.37
C LEU A 243 1.60 4.44 14.96
N ALA A 244 2.75 3.86 14.60
CA ALA A 244 3.30 3.99 13.25
C ALA A 244 4.32 2.90 12.96
N GLN A 245 4.37 2.49 11.69
CA GLN A 245 5.41 1.61 11.18
C GLN A 245 6.48 2.48 10.52
N VAL A 246 7.74 2.28 10.88
CA VAL A 246 8.79 3.22 10.51
C VAL A 246 10.03 2.51 9.98
N PRO A 247 10.52 2.89 8.79
CA PRO A 247 11.78 2.32 8.28
C PRO A 247 12.97 2.78 9.11
N SER A 248 13.82 1.83 9.52
CA SER A 248 14.97 2.15 10.36
C SER A 248 16.03 3.02 9.69
N HIS A 249 16.43 2.64 8.47
CA HIS A 249 17.54 3.35 7.80
C HIS A 249 17.48 3.12 6.30
N THR A 250 17.39 4.21 5.56
CA THR A 250 17.00 4.15 4.17
C THR A 250 17.99 4.93 3.32
N VAL A 251 18.46 4.31 2.23
CA VAL A 251 19.21 5.02 1.23
C VAL A 251 18.22 5.71 0.30
N VAL A 252 18.42 7.01 0.09
CA VAL A 252 17.55 7.77 -0.80
C VAL A 252 18.31 8.28 -2.02
N ALA A 253 17.54 8.64 -3.06
CA ALA A 253 18.07 9.06 -4.36
C ALA A 253 17.03 9.90 -5.11
N ARG A 254 17.48 10.67 -6.09
CA ARG A 254 16.56 11.42 -6.93
C ARG A 254 15.42 10.55 -7.47
N SER A 255 14.21 11.11 -7.51
CA SER A 255 13.05 10.43 -8.08
C SER A 255 13.19 10.21 -9.58
N MET A 256 13.90 11.12 -10.24
CA MET A 256 14.16 11.03 -11.68
C MET A 256 15.66 11.10 -11.97
N GLY A 257 16.17 10.07 -12.66
CA GLY A 257 17.59 9.97 -13.02
C GLY A 257 18.51 9.72 -11.84
N GLY A 258 17.96 9.09 -10.80
CA GLY A 258 18.64 8.96 -9.52
C GLY A 258 19.64 7.83 -9.38
N LYS A 259 19.80 7.04 -10.45
CA LYS A 259 20.69 5.87 -10.48
C LYS A 259 20.36 4.79 -9.43
N GLU A 260 19.08 4.50 -9.21
CA GLU A 260 18.67 3.52 -8.18
C GLU A 260 19.20 2.11 -8.40
N ASP A 261 19.20 1.67 -9.66
CA ASP A 261 19.70 0.34 -9.99
C ASP A 261 21.19 0.20 -9.73
N LEU A 262 21.96 1.24 -10.06
CA LEU A 262 23.38 1.28 -9.79
C LEU A 262 23.70 1.36 -8.28
N ILE A 263 22.88 2.09 -7.53
CA ILE A 263 23.07 2.20 -6.09
C ILE A 263 22.88 0.82 -5.43
N TRP A 264 21.84 0.09 -5.86
CA TRP A 264 21.62 -1.25 -5.37
C TRP A 264 22.74 -2.20 -5.82
N GLU A 265 23.13 -2.11 -7.09
CA GLU A 265 24.25 -2.92 -7.58
C GLU A 265 25.49 -2.74 -6.72
N LEU A 266 25.80 -1.48 -6.40
CA LEU A 266 26.94 -1.17 -5.53
C LEU A 266 26.78 -1.79 -4.15
N LEU A 267 25.66 -1.51 -3.52
CA LEU A 267 25.43 -1.98 -2.15
C LEU A 267 25.27 -3.50 -2.07
N ASN A 268 24.64 -4.10 -3.06
CA ASN A 268 24.53 -5.55 -3.11
C ASN A 268 25.91 -6.23 -3.23
N GLN A 269 26.80 -5.65 -4.02
CA GLN A 269 28.17 -6.13 -4.11
C GLN A 269 28.95 -5.89 -2.81
N ALA A 270 28.71 -4.74 -2.18
CA ALA A 270 29.42 -4.39 -0.95
C ALA A 270 29.08 -5.34 0.22
N GLN A 271 27.80 -5.71 0.35
CA GLN A 271 27.39 -6.59 1.45
C GLN A 271 27.90 -8.02 1.28
N GLU A 272 28.12 -8.43 0.02
CA GLU A 272 28.68 -9.74 -0.31
C GLU A 272 30.17 -9.82 0.04
N HIS A 273 30.90 -8.75 -0.24
CA HIS A 273 32.34 -8.71 0.01
C HIS A 273 32.71 -8.21 1.40
N PHE A 274 31.97 -7.22 1.89
CA PHE A 274 32.39 -6.48 3.08
C PHE A 274 31.29 -6.33 4.13
N GLY A 275 30.21 -7.07 3.97
CA GLY A 275 29.09 -7.06 4.92
C GLY A 275 29.37 -7.87 6.18
N LYS A 276 28.31 -8.14 6.94
CA LYS A 276 28.43 -8.79 8.25
C LYS A 276 29.31 -10.03 8.21
N ASP A 277 30.45 -9.96 8.90
CA ASP A 277 31.36 -11.10 9.10
C ASP A 277 31.93 -11.68 7.80
N LYS A 278 31.86 -10.92 6.71
CA LYS A 278 32.34 -11.39 5.41
C LYS A 278 33.84 -11.22 5.24
N SER A 279 34.35 -10.03 5.55
CA SER A 279 35.76 -9.71 5.38
C SER A 279 36.40 -9.27 6.69
N LYS A 280 37.72 -9.45 6.78
CA LYS A 280 38.47 -8.94 7.91
C LYS A 280 39.22 -7.65 7.54
N GLU A 281 39.39 -7.43 6.24
CA GLU A 281 40.11 -6.25 5.73
C GLU A 281 39.28 -4.97 5.81
N PHE A 282 37.97 -5.09 5.60
CA PHE A 282 37.05 -3.94 5.64
C PHE A 282 35.65 -4.33 6.08
N GLN A 283 35.03 -3.46 6.88
CA GLN A 283 33.68 -3.69 7.36
C GLN A 283 32.74 -2.55 6.98
N LEU A 284 31.65 -2.91 6.32
CA LEU A 284 30.61 -1.96 5.95
C LEU A 284 29.88 -1.44 7.19
N PHE A 285 29.77 -2.28 8.22
CA PHE A 285 28.89 -2.00 9.36
C PHE A 285 29.62 -1.86 10.69
N SER A 286 30.89 -1.49 10.60
CA SER A 286 31.66 -1.06 11.77
C SER A 286 32.71 -0.07 11.26
N SER A 287 33.52 0.45 12.19
CA SER A 287 34.62 1.35 11.84
C SER A 287 35.51 1.62 13.05
N PRO A 288 36.84 1.67 12.83
CA PRO A 288 37.75 2.09 13.89
C PRO A 288 37.63 3.59 14.21
N HIS A 289 36.85 4.30 13.41
CA HIS A 289 36.69 5.75 13.57
C HIS A 289 35.40 6.17 14.27
N GLY A 290 34.50 5.21 14.49
CA GLY A 290 33.27 5.47 15.25
C GLY A 290 32.04 4.68 14.82
N LYS A 291 30.98 4.80 15.61
CA LYS A 291 29.73 4.10 15.37
C LYS A 291 28.87 4.77 14.29
N ASP A 292 28.14 3.94 13.54
CA ASP A 292 27.07 4.38 12.65
C ASP A 292 27.53 5.33 11.55
N LEU A 293 28.76 5.15 11.09
CA LEU A 293 29.25 5.92 9.96
C LEU A 293 28.66 5.34 8.69
N LEU A 294 27.91 6.18 7.96
CA LEU A 294 27.28 5.82 6.67
C LEU A 294 26.08 4.91 6.82
N PHE A 295 26.27 3.81 7.54
CA PHE A 295 25.23 2.84 7.82
C PHE A 295 25.30 2.56 9.31
N LYS A 296 24.21 2.04 9.89
CA LYS A 296 24.21 1.68 11.32
C LYS A 296 25.08 0.46 11.57
N ASP A 297 25.76 0.44 12.72
CA ASP A 297 26.57 -0.72 13.11
C ASP A 297 25.75 -1.99 13.38
N SER A 298 24.47 -1.83 13.67
CA SER A 298 23.57 -2.96 13.93
C SER A 298 22.98 -3.59 12.66
N ALA A 299 23.16 -2.93 11.51
CA ALA A 299 22.70 -3.44 10.21
C ALA A 299 23.32 -4.81 9.86
N HIS A 300 22.51 -5.68 9.27
CA HIS A 300 22.97 -6.99 8.79
C HIS A 300 23.15 -7.05 7.28
N GLY A 301 22.61 -6.07 6.56
CA GLY A 301 22.72 -6.01 5.12
C GLY A 301 21.75 -5.04 4.47
N PHE A 302 21.51 -5.21 3.18
CA PHE A 302 20.60 -4.36 2.42
C PHE A 302 19.53 -5.13 1.67
N LEU A 303 18.37 -4.50 1.53
CA LEU A 303 17.33 -4.98 0.63
C LEU A 303 16.95 -3.88 -0.34
N LYS A 304 16.64 -4.27 -1.58
CA LYS A 304 16.22 -3.33 -2.62
C LYS A 304 14.79 -2.86 -2.33
N VAL A 305 14.57 -1.55 -2.34
CA VAL A 305 13.21 -1.01 -2.21
C VAL A 305 12.49 -1.19 -3.53
N PRO A 306 11.29 -1.81 -3.50
CA PRO A 306 10.48 -1.99 -4.72
C PRO A 306 10.18 -0.65 -5.42
N PRO A 307 10.42 -0.61 -6.74
CA PRO A 307 10.33 0.60 -7.58
C PRO A 307 9.07 1.45 -7.41
N ARG A 308 7.92 0.82 -7.16
CA ARG A 308 6.64 1.56 -7.04
C ARG A 308 6.56 2.38 -5.76
N MET A 309 7.45 2.12 -4.83
CA MET A 309 7.47 2.80 -3.55
C MET A 309 7.92 4.26 -3.66
N ASP A 310 7.08 5.18 -3.19
CA ASP A 310 7.53 6.54 -2.93
C ASP A 310 7.58 6.77 -1.42
N ALA A 311 8.10 7.93 -1.01
CA ALA A 311 8.34 8.21 0.40
C ALA A 311 7.07 8.10 1.26
N LYS A 312 5.96 8.68 0.77
CA LYS A 312 4.67 8.62 1.48
C LYS A 312 4.26 7.18 1.76
N MET A 313 4.35 6.34 0.73
CA MET A 313 3.99 4.93 0.81
C MET A 313 4.94 4.18 1.74
N TYR A 314 6.22 4.50 1.62
CA TYR A 314 7.28 3.86 2.37
C TYR A 314 7.18 4.17 3.87
N LEU A 315 7.04 5.45 4.20
CA LEU A 315 6.90 5.88 5.58
C LEU A 315 5.57 5.44 6.20
N GLY A 316 4.53 5.42 5.37
CA GLY A 316 3.20 4.99 5.82
C GLY A 316 2.33 6.15 6.25
N TYR A 317 1.04 5.98 6.03
CA TYR A 317 0.01 6.97 6.39
C TYR A 317 0.10 7.45 7.84
N GLU A 318 0.32 6.52 8.76
CA GLU A 318 0.35 6.83 10.18
C GLU A 318 1.54 7.73 10.55
N TYR A 319 2.73 7.40 10.04
CA TYR A 319 3.92 8.19 10.33
C TYR A 319 3.86 9.61 9.75
N VAL A 320 3.41 9.71 8.49
CA VAL A 320 3.31 10.99 7.79
C VAL A 320 2.37 11.97 8.52
N THR A 321 1.21 11.49 8.94
CA THR A 321 0.24 12.28 9.69
C THR A 321 0.85 12.89 10.97
N ALA A 322 1.63 12.09 11.68
CA ALA A 322 2.25 12.51 12.94
C ALA A 322 3.29 13.62 12.71
N ILE A 323 4.18 13.38 11.76
CA ILE A 323 5.29 14.29 11.48
C ILE A 323 4.83 15.63 10.88
N ARG A 324 3.81 15.57 10.02
CA ARG A 324 3.18 16.78 9.49
C ARG A 324 2.62 17.65 10.60
N ASN A 325 1.94 17.01 11.55
CA ASN A 325 1.39 17.72 12.70
C ASN A 325 2.45 18.49 13.48
N LEU A 326 3.60 17.85 13.70
CA LEU A 326 4.70 18.48 14.42
C LEU A 326 5.44 19.52 13.59
N ARG A 327 5.78 19.17 12.34
CA ARG A 327 6.53 20.05 11.45
C ARG A 327 5.83 21.37 11.13
N GLU A 328 4.51 21.33 10.90
CA GLU A 328 3.80 22.56 10.55
C GLU A 328 3.03 23.20 11.71
N GLY A 329 2.94 22.48 12.82
CA GLY A 329 2.42 22.99 14.10
C GLY A 329 1.08 23.69 14.06
N THR A 330 0.11 23.10 13.35
CA THR A 330 -1.23 23.69 13.25
C THR A 330 -2.34 22.64 13.08
N CYS A 331 -3.46 22.84 13.77
CA CYS A 331 -4.57 21.89 13.74
C CYS A 331 -5.76 22.35 12.93
N PRO A 332 -6.35 21.42 12.16
CA PRO A 332 -7.69 21.62 11.62
C PRO A 332 -8.69 21.84 12.75
N GLU A 333 -9.65 22.72 12.54
CA GLU A 333 -10.57 23.11 13.61
C GLU A 333 -11.61 22.05 13.95
N ALA A 334 -11.39 21.39 15.09
CA ALA A 334 -12.39 20.51 15.69
C ALA A 334 -13.64 21.32 16.04
N PRO A 335 -14.80 20.65 16.26
CA PRO A 335 -15.04 19.20 16.23
C PRO A 335 -15.03 18.46 14.85
N THR A 336 -15.88 18.79 13.86
CA THR A 336 -16.77 19.96 13.81
C THR A 336 -18.24 19.81 14.29
N ASP A 337 -18.83 18.60 14.30
CA ASP A 337 -18.21 17.33 13.92
C ASP A 337 -19.00 16.72 12.76
N GLU A 338 -18.30 16.42 11.66
CA GLU A 338 -18.95 15.97 10.43
C GLU A 338 -18.01 15.11 9.59
N CYS A 339 -18.56 14.05 9.00
CA CYS A 339 -17.81 13.18 8.09
C CYS A 339 -17.67 13.83 6.72
N LYS A 340 -18.78 14.42 6.25
CA LYS A 340 -18.98 14.83 4.84
C LYS A 340 -18.02 14.22 3.78
N PRO A 341 -17.18 15.05 3.12
CA PRO A 341 -16.73 14.71 1.77
C PRO A 341 -15.87 13.45 1.70
N VAL A 342 -16.44 12.40 1.12
CA VAL A 342 -15.68 11.23 0.71
C VAL A 342 -15.06 11.52 -0.66
N LYS A 343 -13.74 11.39 -0.75
CA LYS A 343 -13.02 11.58 -2.00
C LYS A 343 -13.00 10.27 -2.79
N TRP A 344 -13.79 10.20 -3.85
CA TRP A 344 -13.85 9.02 -4.69
C TRP A 344 -12.71 9.05 -5.69
N CYS A 345 -12.09 7.90 -5.95
CA CYS A 345 -11.02 7.85 -6.92
C CYS A 345 -11.53 7.30 -8.24
N ALA A 346 -11.48 8.15 -9.26
CA ALA A 346 -11.94 7.79 -10.59
C ALA A 346 -10.77 7.39 -11.47
N LEU A 347 -10.97 6.33 -12.25
CA LEU A 347 -9.98 5.83 -13.18
C LEU A 347 -10.01 6.63 -14.49
N SER A 348 -9.14 7.63 -14.57
CA SER A 348 -8.99 8.49 -15.77
C SER A 348 -10.24 9.31 -16.16
N HIS A 349 -10.20 9.98 -17.30
CA HIS A 349 -11.21 11.00 -17.63
C HIS A 349 -12.62 10.48 -17.92
N HIS A 350 -12.73 9.25 -18.42
CA HIS A 350 -14.04 8.63 -18.62
C HIS A 350 -14.80 8.50 -17.28
N GLU A 351 -14.14 7.97 -16.25
CA GLU A 351 -14.76 7.80 -14.93
C GLU A 351 -14.88 9.12 -14.20
N ARG A 352 -13.90 10.00 -14.41
CA ARG A 352 -13.87 11.32 -13.78
C ARG A 352 -15.07 12.18 -14.15
N LEU A 353 -15.60 11.99 -15.36
CA LEU A 353 -16.77 12.76 -15.80
C LEU A 353 -18.07 12.30 -15.12
N LYS A 354 -18.22 10.99 -14.93
CA LYS A 354 -19.38 10.47 -14.19
C LYS A 354 -19.30 10.88 -12.72
N CYS A 355 -18.10 10.75 -12.16
CA CYS A 355 -17.80 11.14 -10.79
C CYS A 355 -18.10 12.62 -10.54
N ASP A 356 -17.70 13.47 -11.48
CA ASP A 356 -18.00 14.92 -11.42
C ASP A 356 -19.49 15.17 -11.29
N GLU A 357 -20.28 14.47 -12.11
CA GLU A 357 -21.73 14.63 -12.08
C GLU A 357 -22.29 14.18 -10.74
N TRP A 358 -21.77 13.06 -10.22
CA TRP A 358 -22.16 12.53 -8.91
C TRP A 358 -21.89 13.57 -7.80
N SER A 359 -20.70 14.17 -7.84
CA SER A 359 -20.29 15.20 -6.87
C SER A 359 -21.27 16.36 -6.76
N VAL A 360 -21.73 16.86 -7.91
CA VAL A 360 -22.65 18.00 -7.96
C VAL A 360 -24.03 17.61 -7.45
N ASN A 361 -24.41 16.36 -7.69
CA ASN A 361 -25.71 15.85 -7.25
C ASN A 361 -25.75 15.48 -5.77
N SER A 362 -24.61 15.05 -5.23
CA SER A 362 -24.46 14.70 -3.82
C SER A 362 -24.51 15.92 -2.91
N VAL A 363 -24.35 17.10 -3.53
CA VAL A 363 -24.32 18.38 -2.83
C VAL A 363 -23.31 18.39 -1.68
N GLY A 364 -22.03 18.33 -2.05
CA GLY A 364 -20.93 18.46 -1.08
C GLY A 364 -20.42 17.18 -0.44
N LYS A 365 -21.22 16.12 -0.49
CA LYS A 365 -20.90 14.87 0.21
C LYS A 365 -19.95 13.92 -0.53
N ILE A 366 -19.78 14.12 -1.83
CA ILE A 366 -18.86 13.33 -2.63
C ILE A 366 -17.93 14.26 -3.43
N GLU A 367 -16.63 13.95 -3.40
CA GLU A 367 -15.65 14.69 -4.20
C GLU A 367 -14.81 13.73 -5.06
N CYS A 368 -14.10 14.25 -6.06
CA CYS A 368 -13.43 13.39 -7.03
C CYS A 368 -11.95 13.63 -7.22
N VAL A 369 -11.21 12.53 -7.33
CA VAL A 369 -9.79 12.51 -7.63
C VAL A 369 -9.58 11.51 -8.78
N SER A 370 -8.56 11.75 -9.61
CA SER A 370 -8.25 10.86 -10.72
C SER A 370 -6.86 10.25 -10.63
N ALA A 371 -6.75 9.02 -11.14
CA ALA A 371 -5.48 8.40 -11.43
C ALA A 371 -5.65 7.57 -12.70
N GLU A 372 -4.55 7.19 -13.35
CA GLU A 372 -4.61 6.52 -14.66
C GLU A 372 -4.62 5.00 -14.56
N THR A 373 -4.35 4.46 -13.38
CA THR A 373 -4.44 3.03 -13.14
C THR A 373 -5.13 2.78 -11.80
N THR A 374 -5.78 1.62 -11.70
CA THR A 374 -6.36 1.18 -10.45
C THR A 374 -5.32 1.22 -9.33
N GLU A 375 -4.12 0.73 -9.61
CA GLU A 375 -3.03 0.68 -8.64
C GLU A 375 -2.62 2.08 -8.16
N ASP A 376 -2.61 3.06 -9.07
CA ASP A 376 -2.37 4.45 -8.68
C ASP A 376 -3.50 4.99 -7.80
N CYS A 377 -4.74 4.62 -8.09
CA CYS A 377 -5.90 4.96 -7.26
C CYS A 377 -5.82 4.31 -5.87
N ILE A 378 -5.42 3.03 -5.82
CA ILE A 378 -5.25 2.33 -4.55
C ILE A 378 -4.17 3.00 -3.72
N ALA A 379 -3.07 3.37 -4.37
CA ALA A 379 -2.00 4.11 -3.70
C ALA A 379 -2.49 5.44 -3.14
N LYS A 380 -3.40 6.10 -3.87
CA LYS A 380 -3.97 7.37 -3.41
C LYS A 380 -4.88 7.23 -2.18
N ILE A 381 -5.56 6.10 -2.06
CA ILE A 381 -6.37 5.83 -0.87
C ILE A 381 -5.47 5.52 0.33
N MET A 382 -4.41 4.75 0.09
CA MET A 382 -3.40 4.48 1.12
C MET A 382 -2.80 5.73 1.73
N ASN A 383 -2.41 6.70 0.89
CA ASN A 383 -1.76 7.91 1.39
C ASN A 383 -2.69 9.05 1.82
N GLY A 384 -3.98 8.94 1.50
CA GLY A 384 -4.96 9.90 1.99
C GLY A 384 -5.47 10.91 0.98
N GLU A 385 -4.92 10.85 -0.23
CA GLU A 385 -5.35 11.72 -1.33
C GLU A 385 -6.74 11.33 -1.87
N ALA A 386 -7.10 10.07 -1.67
CA ALA A 386 -8.46 9.58 -1.93
C ALA A 386 -8.95 8.77 -0.74
N ASP A 387 -10.23 8.40 -0.74
CA ASP A 387 -10.82 7.66 0.38
C ASP A 387 -11.47 6.34 -0.02
N ALA A 388 -12.06 6.29 -1.22
CA ALA A 388 -12.81 5.09 -1.64
C ALA A 388 -12.91 4.93 -3.15
N MET A 389 -13.15 3.68 -3.57
CA MET A 389 -13.44 3.32 -4.95
C MET A 389 -13.96 1.91 -4.92
N SER A 390 -14.65 1.50 -5.97
CA SER A 390 -15.10 0.12 -6.10
C SER A 390 -14.07 -0.70 -6.88
N LEU A 391 -13.91 -1.97 -6.52
CA LEU A 391 -12.86 -2.81 -7.11
C LEU A 391 -13.26 -4.24 -7.42
N ASP A 392 -12.76 -4.76 -8.54
CA ASP A 392 -12.83 -6.18 -8.80
C ASP A 392 -12.15 -6.93 -7.65
N GLY A 393 -12.59 -8.16 -7.37
CA GLY A 393 -12.03 -8.95 -6.28
C GLY A 393 -10.50 -9.06 -6.30
N GLY A 394 -9.92 -9.08 -7.50
CA GLY A 394 -8.48 -9.21 -7.66
C GLY A 394 -7.76 -8.00 -7.10
N PHE A 395 -8.37 -6.83 -7.26
CA PHE A 395 -7.79 -5.63 -6.72
C PHE A 395 -8.23 -5.35 -5.29
N VAL A 396 -9.32 -6.00 -4.85
CA VAL A 396 -9.69 -6.00 -3.44
C VAL A 396 -8.60 -6.74 -2.64
N TYR A 397 -8.10 -7.83 -3.20
CA TYR A 397 -6.98 -8.61 -2.63
C TYR A 397 -5.72 -7.74 -2.47
N ILE A 398 -5.34 -7.08 -3.55
CA ILE A 398 -4.14 -6.23 -3.57
C ILE A 398 -4.30 -5.10 -2.54
N ALA A 399 -5.45 -4.43 -2.59
CA ALA A 399 -5.80 -3.39 -1.63
C ALA A 399 -5.72 -3.87 -0.18
N GLY A 400 -6.20 -5.08 0.07
CA GLY A 400 -6.17 -5.68 1.39
C GLY A 400 -4.76 -5.90 1.90
N LYS A 401 -3.89 -6.42 1.03
CA LYS A 401 -2.46 -6.59 1.34
C LYS A 401 -1.79 -5.23 1.60
N CYS A 402 -2.38 -4.19 1.01
CA CYS A 402 -1.95 -2.80 1.21
C CYS A 402 -2.62 -2.16 2.42
N GLY A 403 -3.44 -2.93 3.14
CA GLY A 403 -3.98 -2.47 4.42
C GLY A 403 -5.35 -1.80 4.32
N LEU A 404 -5.97 -1.87 3.14
CA LEU A 404 -7.33 -1.36 2.96
C LEU A 404 -8.40 -2.43 3.27
N VAL A 405 -9.61 -1.97 3.57
CA VAL A 405 -10.69 -2.85 3.98
C VAL A 405 -11.92 -2.68 3.08
N PRO A 406 -12.62 -3.78 2.80
CA PRO A 406 -13.90 -3.66 2.09
C PRO A 406 -14.98 -3.16 3.05
N VAL A 407 -15.85 -2.29 2.55
CA VAL A 407 -16.94 -1.74 3.37
C VAL A 407 -18.33 -2.14 2.87
N LEU A 408 -18.51 -2.16 1.55
CA LEU A 408 -19.78 -2.59 0.95
C LEU A 408 -19.50 -3.37 -0.33
N ALA A 409 -20.38 -4.32 -0.64
CA ALA A 409 -20.27 -5.11 -1.86
C ALA A 409 -21.24 -4.59 -2.91
N GLU A 410 -20.81 -4.61 -4.17
CA GLU A 410 -21.74 -4.51 -5.28
C GLU A 410 -22.59 -5.78 -5.27
N ASN A 411 -23.89 -5.63 -5.51
CA ASN A 411 -24.78 -6.78 -5.66
C ASN A 411 -25.41 -6.83 -7.05
N TYR A 412 -25.61 -8.04 -7.59
CA TYR A 412 -26.06 -8.18 -8.98
C TYR A 412 -27.41 -8.88 -9.16
N ASN A 413 -27.79 -9.74 -8.22
CA ASN A 413 -29.10 -10.36 -8.30
C ASN A 413 -30.19 -9.44 -7.76
N LYS A 414 -31.21 -9.21 -8.59
CA LYS A 414 -32.36 -8.40 -8.21
C LYS A 414 -33.16 -9.10 -7.13
N SER A 415 -33.49 -8.35 -6.07
CA SER A 415 -34.20 -8.90 -4.91
C SER A 415 -34.87 -7.79 -4.11
N ASP A 416 -35.96 -8.13 -3.44
CA ASP A 416 -36.69 -7.20 -2.57
C ASP A 416 -35.88 -6.80 -1.34
N ASN A 417 -34.81 -7.53 -1.08
CA ASN A 417 -33.95 -7.29 0.08
C ASN A 417 -32.48 -7.23 -0.33
N CYS A 418 -32.16 -6.31 -1.24
CA CYS A 418 -30.84 -6.24 -1.86
C CYS A 418 -29.71 -5.91 -0.88
N GLU A 419 -29.90 -4.87 -0.08
CA GLU A 419 -28.86 -4.37 0.83
C GLU A 419 -28.42 -5.37 1.91
N ASP A 420 -29.33 -6.25 2.32
CA ASP A 420 -29.09 -7.16 3.44
C ASP A 420 -28.92 -8.63 3.04
N THR A 421 -28.67 -8.88 1.75
CA THR A 421 -28.51 -10.24 1.26
C THR A 421 -27.18 -10.44 0.54
N PRO A 422 -26.24 -11.16 1.20
CA PRO A 422 -24.91 -11.41 0.61
C PRO A 422 -24.98 -12.45 -0.51
N GLU A 423 -24.38 -12.11 -1.66
CA GLU A 423 -24.36 -13.00 -2.81
C GLU A 423 -23.09 -13.84 -2.79
N ALA A 424 -23.19 -15.09 -3.26
CA ALA A 424 -22.04 -15.99 -3.34
C ALA A 424 -21.08 -15.54 -4.44
N GLY A 425 -21.59 -14.79 -5.42
CA GLY A 425 -20.74 -14.19 -6.43
C GLY A 425 -21.20 -14.40 -7.86
N TYR A 426 -20.43 -13.88 -8.80
CA TYR A 426 -20.70 -14.10 -10.22
C TYR A 426 -19.83 -15.23 -10.75
N PHE A 427 -19.93 -15.52 -12.05
CA PHE A 427 -19.14 -16.59 -12.65
C PHE A 427 -18.12 -16.07 -13.64
N ALA A 428 -16.91 -16.60 -13.53
CA ALA A 428 -15.86 -16.38 -14.52
C ALA A 428 -16.03 -17.43 -15.62
N ILE A 429 -15.98 -16.99 -16.88
CA ILE A 429 -16.23 -17.86 -18.02
C ILE A 429 -15.24 -17.61 -19.17
N ALA A 430 -15.10 -18.60 -20.04
CA ALA A 430 -14.26 -18.48 -21.21
C ALA A 430 -15.16 -18.50 -22.45
N VAL A 431 -15.28 -17.35 -23.10
CA VAL A 431 -16.17 -17.21 -24.25
C VAL A 431 -15.40 -17.41 -25.55
N VAL A 432 -15.97 -18.20 -26.45
CA VAL A 432 -15.47 -18.36 -27.82
C VAL A 432 -16.59 -18.20 -28.87
N LYS A 433 -16.18 -18.03 -30.13
CA LYS A 433 -17.12 -17.94 -31.26
C LYS A 433 -17.55 -19.35 -31.64
N LYS A 434 -18.85 -19.55 -31.83
CA LYS A 434 -19.40 -20.86 -32.21
C LYS A 434 -18.83 -21.40 -33.53
N SER A 435 -18.58 -20.50 -34.48
CA SER A 435 -18.02 -20.87 -35.79
C SER A 435 -16.58 -21.40 -35.65
N ALA A 436 -15.89 -20.97 -34.60
CA ALA A 436 -14.56 -21.51 -34.27
C ALA A 436 -14.73 -22.80 -33.49
N SER A 437 -15.19 -23.84 -34.19
CA SER A 437 -15.64 -25.08 -33.56
C SER A 437 -14.53 -25.93 -32.91
N ASP A 438 -13.28 -25.62 -33.24
CA ASP A 438 -12.11 -26.38 -32.82
C ASP A 438 -11.72 -26.19 -31.35
N LEU A 439 -11.95 -24.98 -30.84
CA LEU A 439 -11.42 -24.55 -29.54
C LEU A 439 -11.98 -25.34 -28.36
N THR A 440 -11.06 -25.81 -27.52
CA THR A 440 -11.40 -26.52 -26.29
C THR A 440 -10.47 -26.04 -25.19
N TRP A 441 -10.96 -26.07 -23.95
CA TRP A 441 -10.16 -25.72 -22.79
C TRP A 441 -8.91 -26.60 -22.68
N ASP A 442 -9.03 -27.82 -23.23
CA ASP A 442 -7.97 -28.82 -23.24
C ASP A 442 -6.65 -28.30 -23.82
N ASN A 443 -6.75 -27.55 -24.92
CA ASN A 443 -5.56 -26.99 -25.56
C ASN A 443 -5.79 -25.63 -26.20
N LEU A 444 -5.49 -24.59 -25.44
CA LEU A 444 -5.60 -23.22 -25.90
C LEU A 444 -4.25 -22.64 -26.35
N LYS A 445 -3.23 -23.50 -26.40
CA LYS A 445 -1.88 -23.10 -26.79
C LYS A 445 -1.84 -22.57 -28.22
N GLY A 446 -1.13 -21.45 -28.40
CA GLY A 446 -0.96 -20.85 -29.72
C GLY A 446 -2.18 -20.08 -30.21
N LYS A 447 -3.13 -19.86 -29.31
CA LYS A 447 -4.34 -19.13 -29.64
C LYS A 447 -4.27 -17.71 -29.08
N LYS A 448 -5.28 -16.90 -29.35
CA LYS A 448 -5.24 -15.48 -29.02
C LYS A 448 -6.26 -15.16 -27.94
N SER A 449 -5.79 -14.56 -26.84
CA SER A 449 -6.64 -14.38 -25.65
C SER A 449 -7.04 -12.94 -25.44
N CYS A 450 -8.22 -12.74 -24.85
CA CYS A 450 -8.67 -11.40 -24.49
C CYS A 450 -9.05 -11.38 -23.01
N HIS A 451 -8.43 -10.45 -22.28
CA HIS A 451 -8.57 -10.36 -20.83
C HIS A 451 -9.05 -8.97 -20.45
N THR A 452 -9.85 -8.90 -19.38
CA THR A 452 -10.34 -7.61 -18.89
C THR A 452 -9.16 -6.69 -18.57
N ALA A 453 -8.21 -7.22 -17.79
CA ALA A 453 -6.93 -6.57 -17.45
C ALA A 453 -6.18 -7.51 -16.54
N VAL A 454 -4.85 -7.41 -16.48
CA VAL A 454 -4.09 -8.27 -15.57
C VAL A 454 -4.41 -7.95 -14.10
N GLY A 455 -4.53 -8.99 -13.29
CA GLY A 455 -4.85 -8.85 -11.87
C GLY A 455 -6.33 -8.90 -11.56
N ARG A 456 -7.17 -8.86 -12.59
CA ARG A 456 -8.61 -8.95 -12.43
C ARG A 456 -9.10 -10.40 -12.27
N THR A 457 -10.26 -10.58 -11.63
CA THR A 457 -10.75 -11.91 -11.28
C THR A 457 -11.10 -12.80 -12.48
N ALA A 458 -12.10 -12.40 -13.28
CA ALA A 458 -12.57 -13.24 -14.36
C ALA A 458 -11.64 -13.12 -15.57
N GLY A 459 -11.07 -11.93 -15.74
CA GLY A 459 -10.16 -11.66 -16.84
C GLY A 459 -8.76 -12.26 -16.69
N TRP A 460 -8.34 -12.55 -15.46
CA TRP A 460 -6.94 -12.94 -15.22
C TRP A 460 -6.73 -14.02 -14.17
N ASN A 461 -6.93 -13.66 -12.90
CA ASN A 461 -6.60 -14.53 -11.77
C ASN A 461 -7.15 -15.95 -11.86
N ILE A 462 -8.42 -16.07 -12.24
CA ILE A 462 -9.06 -17.38 -12.38
C ILE A 462 -8.49 -18.18 -13.56
N PRO A 463 -8.60 -17.66 -14.80
CA PRO A 463 -8.13 -18.50 -15.91
C PRO A 463 -6.61 -18.70 -15.92
N MET A 464 -5.85 -17.66 -15.58
CA MET A 464 -4.39 -17.76 -15.58
C MET A 464 -3.91 -18.60 -14.41
N GLY A 465 -4.64 -18.50 -13.29
CA GLY A 465 -4.44 -19.41 -12.18
C GLY A 465 -4.59 -20.87 -12.61
N LEU A 466 -5.66 -21.16 -13.34
CA LEU A 466 -5.91 -22.53 -13.80
C LEU A 466 -4.90 -22.97 -14.86
N LEU A 467 -4.42 -22.01 -15.65
CA LEU A 467 -3.40 -22.26 -16.68
C LEU A 467 -2.05 -22.54 -16.03
N TYR A 468 -1.71 -21.75 -15.01
CA TYR A 468 -0.47 -21.95 -14.27
C TYR A 468 -0.40 -23.32 -13.62
N ASN A 469 -1.53 -23.84 -13.15
CA ASN A 469 -1.58 -25.18 -12.58
C ASN A 469 -1.34 -26.29 -13.60
N LYS A 470 -1.54 -25.97 -14.88
CA LYS A 470 -1.40 -26.97 -15.94
C LYS A 470 0.00 -26.97 -16.58
N ILE A 471 0.56 -25.79 -16.82
CA ILE A 471 1.86 -25.65 -17.51
C ILE A 471 3.01 -25.37 -16.55
N ASN A 472 2.68 -24.85 -15.37
CA ASN A 472 3.62 -24.64 -14.28
C ASN A 472 4.79 -23.69 -14.57
N HIS A 473 4.47 -22.61 -15.27
CA HIS A 473 5.37 -21.46 -15.45
C HIS A 473 4.52 -20.22 -15.73
N CYS A 474 5.10 -19.04 -15.50
CA CYS A 474 4.34 -17.78 -15.56
C CYS A 474 4.32 -17.13 -16.94
N ARG A 475 5.04 -17.72 -17.89
CA ARG A 475 5.23 -17.12 -19.19
C ARG A 475 3.99 -17.29 -20.10
N PHE A 476 2.88 -16.70 -19.67
CA PHE A 476 1.58 -16.81 -20.34
C PHE A 476 1.57 -16.18 -21.73
N ASP A 477 2.53 -15.28 -21.96
CA ASP A 477 2.72 -14.62 -23.25
C ASP A 477 3.42 -15.53 -24.26
N GLU A 478 4.00 -16.63 -23.76
CA GLU A 478 4.57 -17.67 -24.61
C GLU A 478 3.55 -18.79 -24.85
N PHE A 479 2.62 -18.97 -23.92
CA PHE A 479 1.57 -19.96 -24.06
C PHE A 479 0.62 -19.56 -25.18
N PHE A 480 0.05 -18.37 -25.06
CA PHE A 480 -0.73 -17.76 -26.12
C PHE A 480 0.24 -17.19 -27.15
N SER A 481 -0.19 -17.16 -28.40
CA SER A 481 0.61 -16.56 -29.47
C SER A 481 0.65 -15.06 -29.29
N GLU A 482 -0.52 -14.48 -28.99
CA GLU A 482 -0.69 -13.06 -28.70
C GLU A 482 -2.06 -12.83 -28.03
N GLY A 483 -2.30 -11.59 -27.61
CA GLY A 483 -3.57 -11.24 -26.99
C GLY A 483 -3.70 -9.77 -26.60
N CYS A 484 -4.74 -9.46 -25.84
CA CYS A 484 -4.85 -8.17 -25.19
C CYS A 484 -5.16 -8.42 -23.72
N ALA A 485 -4.20 -8.06 -22.88
CA ALA A 485 -4.32 -8.14 -21.43
C ALA A 485 -3.85 -6.80 -20.86
N PRO A 486 -4.72 -5.79 -20.85
CA PRO A 486 -4.29 -4.44 -20.46
C PRO A 486 -3.60 -4.43 -19.10
N GLY A 487 -2.49 -3.73 -19.00
CA GLY A 487 -1.70 -3.73 -17.78
C GLY A 487 -0.46 -4.58 -17.91
N SER A 488 -0.36 -5.30 -19.03
CA SER A 488 0.83 -6.10 -19.34
C SER A 488 2.01 -5.20 -19.66
N LYS A 489 3.21 -5.72 -19.46
CA LYS A 489 4.43 -5.03 -19.86
C LYS A 489 4.30 -4.70 -21.35
N LYS A 490 4.73 -3.50 -21.73
CA LYS A 490 4.47 -2.97 -23.08
C LYS A 490 5.03 -3.78 -24.27
N ASP A 491 6.14 -4.49 -24.07
CA ASP A 491 6.72 -5.29 -25.15
C ASP A 491 6.19 -6.72 -25.19
N SER A 492 5.21 -7.01 -24.34
CA SER A 492 4.62 -8.35 -24.24
C SER A 492 3.70 -8.64 -25.40
N SER A 493 3.70 -9.90 -25.84
CA SER A 493 2.78 -10.35 -26.87
C SER A 493 1.31 -10.25 -26.43
N LEU A 494 1.07 -10.10 -25.12
CA LEU A 494 -0.28 -9.92 -24.61
C LEU A 494 -0.76 -8.47 -24.67
N CYS A 495 0.01 -7.63 -25.38
CA CYS A 495 -0.41 -6.25 -25.69
C CYS A 495 -0.71 -6.09 -27.18
N LYS A 496 -0.35 -7.08 -27.98
CA LYS A 496 -0.37 -6.93 -29.44
C LYS A 496 -1.78 -6.81 -30.05
N LEU A 497 -2.79 -7.36 -29.38
CA LEU A 497 -4.17 -7.28 -29.87
C LEU A 497 -4.96 -6.06 -29.40
N CYS A 498 -4.40 -5.30 -28.45
CA CYS A 498 -5.05 -4.10 -27.94
C CYS A 498 -5.22 -3.01 -29.02
N MET A 499 -6.12 -2.06 -28.77
CA MET A 499 -6.53 -1.09 -29.80
C MET A 499 -6.22 0.37 -29.50
N GLY A 500 -5.81 0.68 -28.28
CA GLY A 500 -5.50 2.07 -27.90
C GLY A 500 -4.43 2.71 -28.77
N SER A 501 -4.53 4.02 -28.91
CA SER A 501 -3.59 4.82 -29.71
C SER A 501 -2.41 5.29 -28.86
N GLY A 502 -1.24 5.38 -29.49
CA GLY A 502 -0.03 5.94 -28.88
C GLY A 502 0.32 5.33 -27.54
N LEU A 503 0.32 6.17 -26.52
CA LEU A 503 0.68 5.75 -25.17
C LEU A 503 -0.49 5.05 -24.48
N ASN A 504 -1.67 5.14 -25.06
CA ASN A 504 -2.85 4.48 -24.52
C ASN A 504 -2.89 2.98 -24.80
N LEU A 505 -2.13 2.54 -25.81
CA LEU A 505 -2.07 1.12 -26.15
C LEU A 505 -1.77 0.25 -24.92
N CYS A 506 -2.69 -0.67 -24.63
CA CYS A 506 -2.54 -1.66 -23.55
C CYS A 506 -2.64 -1.10 -22.11
N GLU A 507 -3.01 0.17 -21.98
CA GLU A 507 -3.19 0.76 -20.65
C GLU A 507 -4.42 0.17 -19.97
N PRO A 508 -4.38 0.01 -18.64
CA PRO A 508 -5.56 -0.54 -17.99
C PRO A 508 -6.55 0.56 -17.63
N ASN A 509 -7.08 1.23 -18.64
CA ASN A 509 -8.19 2.15 -18.49
C ASN A 509 -8.93 2.29 -19.80
N ASN A 510 -10.03 3.05 -19.79
CA ASN A 510 -10.94 3.10 -20.94
C ASN A 510 -10.42 3.89 -22.15
N LYS A 511 -9.21 4.41 -22.04
CA LYS A 511 -8.53 4.96 -23.21
C LYS A 511 -8.06 3.81 -24.10
N GLU A 512 -7.98 2.61 -23.51
CA GLU A 512 -7.77 1.36 -24.24
C GLU A 512 -9.11 0.69 -24.47
N GLY A 513 -9.59 0.74 -25.71
CA GLY A 513 -10.91 0.19 -26.06
C GLY A 513 -11.20 -1.26 -25.68
N TYR A 514 -10.17 -2.07 -25.44
CA TYR A 514 -10.36 -3.47 -25.05
C TYR A 514 -10.25 -3.71 -23.56
N TYR A 515 -10.17 -2.63 -22.78
CA TYR A 515 -10.11 -2.74 -21.32
C TYR A 515 -11.48 -3.10 -20.73
N GLY A 516 -11.49 -4.04 -19.79
CA GLY A 516 -12.72 -4.38 -19.06
C GLY A 516 -13.53 -5.47 -19.71
N TYR A 517 -14.70 -5.79 -19.12
CA TYR A 517 -15.55 -6.87 -19.60
C TYR A 517 -15.98 -6.65 -21.06
N THR A 518 -16.65 -5.53 -21.31
CA THR A 518 -17.14 -5.21 -22.65
C THR A 518 -15.99 -5.20 -23.68
N GLY A 519 -14.90 -4.53 -23.30
CA GLY A 519 -13.71 -4.43 -24.14
C GLY A 519 -13.12 -5.79 -24.49
N ALA A 520 -13.03 -6.67 -23.49
CA ALA A 520 -12.55 -8.04 -23.71
C ALA A 520 -13.46 -8.82 -24.67
N PHE A 521 -14.77 -8.63 -24.55
CA PHE A 521 -15.71 -9.22 -25.50
C PHE A 521 -15.51 -8.66 -26.90
N ARG A 522 -15.36 -7.34 -27.00
CA ARG A 522 -15.05 -6.70 -28.28
C ARG A 522 -13.77 -7.29 -28.88
N CYS A 523 -12.74 -7.44 -28.07
CA CYS A 523 -11.48 -8.06 -28.49
C CYS A 523 -11.72 -9.42 -29.14
N LEU A 524 -12.54 -10.26 -28.49
CA LEU A 524 -12.89 -11.58 -29.03
C LEU A 524 -13.58 -11.48 -30.39
N VAL A 525 -14.56 -10.58 -30.49
CA VAL A 525 -15.30 -10.38 -31.73
C VAL A 525 -14.36 -9.97 -32.87
N GLU A 526 -13.43 -9.07 -32.57
CA GLU A 526 -12.59 -8.47 -33.62
C GLU A 526 -11.27 -9.18 -33.93
N LYS A 527 -10.57 -9.68 -32.91
CA LYS A 527 -9.19 -10.16 -33.09
C LYS A 527 -8.86 -11.47 -32.37
N GLY A 528 -9.46 -11.69 -31.21
CA GLY A 528 -9.10 -12.83 -30.36
C GLY A 528 -9.78 -14.16 -30.67
N ASP A 529 -9.36 -15.20 -29.93
CA ASP A 529 -9.95 -16.53 -30.02
C ASP A 529 -10.78 -16.87 -28.78
N VAL A 530 -10.37 -16.36 -27.61
CA VAL A 530 -11.08 -16.61 -26.35
C VAL A 530 -11.10 -15.35 -25.46
N ALA A 531 -12.25 -15.08 -24.84
CA ALA A 531 -12.36 -13.99 -23.88
C ALA A 531 -12.64 -14.51 -22.49
N PHE A 532 -11.96 -13.91 -21.53
CA PHE A 532 -12.12 -14.24 -20.12
C PHE A 532 -12.88 -13.09 -19.47
N VAL A 533 -14.13 -13.37 -19.13
CA VAL A 533 -15.08 -12.34 -18.69
C VAL A 533 -16.09 -12.97 -17.74
N LYS A 534 -17.05 -12.17 -17.30
CA LYS A 534 -18.11 -12.61 -16.41
C LYS A 534 -19.25 -13.24 -17.22
N HIS A 535 -20.10 -14.01 -16.55
CA HIS A 535 -21.16 -14.75 -17.21
C HIS A 535 -22.21 -13.89 -17.92
N GLN A 536 -22.34 -12.64 -17.51
CA GLN A 536 -23.38 -11.78 -18.07
C GLN A 536 -22.91 -10.88 -19.21
N THR A 537 -21.63 -10.98 -19.58
CA THR A 537 -21.04 -10.09 -20.60
C THR A 537 -21.67 -10.24 -21.99
N VAL A 538 -21.79 -11.48 -22.46
CA VAL A 538 -22.35 -11.73 -23.77
C VAL A 538 -23.78 -11.16 -23.92
N PRO A 539 -24.72 -11.55 -23.03
CA PRO A 539 -26.08 -11.02 -23.25
C PRO A 539 -26.17 -9.50 -23.08
N GLN A 540 -25.35 -8.93 -22.18
CA GLN A 540 -25.32 -7.47 -22.02
C GLN A 540 -24.86 -6.74 -23.29
N ASN A 541 -24.19 -7.45 -24.20
CA ASN A 541 -23.64 -6.84 -25.40
C ASN A 541 -24.24 -7.35 -26.72
N THR A 542 -25.27 -8.18 -26.63
CA THR A 542 -25.88 -8.74 -27.83
C THR A 542 -27.35 -8.34 -27.93
N GLY A 543 -27.96 -8.61 -29.08
CA GLY A 543 -29.37 -8.29 -29.31
C GLY A 543 -29.72 -6.82 -29.19
N GLY A 544 -28.80 -5.95 -29.61
CA GLY A 544 -29.05 -4.51 -29.67
C GLY A 544 -28.98 -3.75 -28.35
N LYS A 545 -28.54 -4.41 -27.28
CA LYS A 545 -28.48 -3.79 -25.96
C LYS A 545 -27.28 -2.84 -25.83
N ASN A 546 -26.16 -3.21 -26.46
CA ASN A 546 -25.05 -2.29 -26.68
C ASN A 546 -25.24 -1.72 -28.09
N PRO A 547 -25.49 -0.40 -28.19
CA PRO A 547 -25.87 0.20 -29.48
C PRO A 547 -24.67 0.63 -30.35
N ASP A 548 -23.45 0.51 -29.83
CA ASP A 548 -22.24 0.90 -30.55
C ASP A 548 -22.05 0.09 -31.84
N PRO A 549 -21.45 0.70 -32.88
CA PRO A 549 -21.39 0.04 -34.20
C PRO A 549 -20.84 -1.39 -34.21
N TRP A 550 -19.87 -1.68 -33.35
CA TRP A 550 -19.25 -3.01 -33.33
C TRP A 550 -20.14 -4.08 -32.71
N ALA A 551 -21.02 -3.69 -31.79
CA ALA A 551 -21.85 -4.63 -31.04
C ALA A 551 -23.28 -4.74 -31.58
N LYS A 552 -23.66 -3.77 -32.41
CA LYS A 552 -25.03 -3.59 -32.85
C LYS A 552 -25.68 -4.85 -33.44
N ASN A 553 -24.94 -5.58 -34.28
CA ASN A 553 -25.49 -6.70 -35.05
C ASN A 553 -25.21 -8.08 -34.43
N LEU A 554 -24.52 -8.10 -33.29
CA LEU A 554 -24.12 -9.35 -32.64
C LEU A 554 -25.27 -10.09 -32.00
N ASN A 555 -25.24 -11.42 -32.13
CA ASN A 555 -26.28 -12.28 -31.57
C ASN A 555 -25.73 -13.19 -30.46
N GLU A 556 -26.47 -13.29 -29.36
CA GLU A 556 -26.12 -14.14 -28.21
C GLU A 556 -25.73 -15.58 -28.65
N LYS A 557 -26.47 -16.13 -29.60
CA LYS A 557 -26.28 -17.53 -29.99
C LYS A 557 -25.07 -17.82 -30.90
N ASP A 558 -24.31 -16.79 -31.25
CA ASP A 558 -23.10 -16.99 -32.04
C ASP A 558 -21.87 -17.25 -31.16
N TYR A 559 -22.09 -17.28 -29.84
CA TYR A 559 -21.00 -17.48 -28.88
C TYR A 559 -21.29 -18.64 -27.96
N GLU A 560 -20.22 -19.29 -27.49
CA GLU A 560 -20.33 -20.44 -26.60
C GLU A 560 -19.37 -20.27 -25.44
N LEU A 561 -19.54 -21.11 -24.42
CA LEU A 561 -18.67 -21.11 -23.25
C LEU A 561 -17.82 -22.37 -23.23
N LEU A 562 -16.55 -22.23 -22.88
CA LEU A 562 -15.70 -23.40 -22.68
C LEU A 562 -15.84 -23.92 -21.26
N CYS A 563 -16.19 -25.19 -21.13
CA CYS A 563 -16.32 -25.82 -19.82
C CYS A 563 -14.97 -26.45 -19.44
N LEU A 564 -14.77 -26.73 -18.15
CA LEU A 564 -13.51 -27.30 -17.68
C LEU A 564 -13.20 -28.70 -18.22
N ASP A 565 -14.24 -29.51 -18.43
CA ASP A 565 -14.10 -30.89 -18.91
C ASP A 565 -13.78 -31.02 -20.42
N GLY A 566 -13.64 -29.87 -21.09
CA GLY A 566 -13.27 -29.86 -22.51
C GLY A 566 -14.45 -29.76 -23.45
N THR A 567 -15.66 -29.60 -22.92
CA THR A 567 -16.84 -29.45 -23.76
C THR A 567 -17.27 -27.98 -23.87
N ARG A 568 -18.25 -27.72 -24.74
CA ARG A 568 -18.78 -26.38 -24.93
C ARG A 568 -20.27 -26.32 -24.61
N LYS A 569 -20.70 -25.23 -24.00
CA LYS A 569 -22.10 -24.98 -23.78
C LYS A 569 -22.52 -23.57 -24.24
N PRO A 570 -23.83 -23.37 -24.53
CA PRO A 570 -24.34 -22.03 -24.84
C PRO A 570 -24.22 -21.04 -23.66
N VAL A 571 -24.26 -19.75 -23.98
CA VAL A 571 -24.02 -18.68 -23.03
C VAL A 571 -24.84 -18.76 -21.74
N GLU A 572 -26.14 -19.00 -21.87
CA GLU A 572 -27.03 -19.01 -20.70
C GLU A 572 -26.90 -20.24 -19.80
N GLU A 573 -26.03 -21.19 -20.18
CA GLU A 573 -25.76 -22.37 -19.36
C GLU A 573 -24.49 -22.18 -18.51
N TYR A 574 -24.23 -20.94 -18.12
CA TYR A 574 -23.05 -20.57 -17.34
C TYR A 574 -22.94 -21.31 -16.00
N ALA A 575 -24.08 -21.66 -15.41
CA ALA A 575 -24.12 -22.31 -14.10
C ALA A 575 -23.48 -23.70 -14.11
N ASN A 576 -23.50 -24.35 -15.28
CA ASN A 576 -22.89 -25.67 -15.45
C ASN A 576 -21.67 -25.66 -16.39
N CYS A 577 -21.23 -24.46 -16.76
CA CYS A 577 -20.09 -24.32 -17.65
C CYS A 577 -19.34 -23.01 -17.34
N HIS A 578 -18.63 -23.01 -16.22
CA HIS A 578 -17.84 -21.84 -15.81
C HIS A 578 -16.49 -22.26 -15.23
N LEU A 579 -15.54 -21.32 -15.22
CA LEU A 579 -14.19 -21.61 -14.70
C LEU A 579 -14.17 -21.59 -13.17
N ALA A 580 -14.76 -20.56 -12.56
CA ALA A 580 -14.95 -20.52 -11.12
C ALA A 580 -15.88 -19.39 -10.69
N ARG A 581 -16.31 -19.48 -9.43
CA ARG A 581 -17.01 -18.42 -8.74
C ARG A 581 -16.11 -17.19 -8.58
N ALA A 582 -16.72 -16.01 -8.53
CA ALA A 582 -15.96 -14.77 -8.43
C ALA A 582 -16.64 -13.85 -7.42
N PRO A 583 -15.92 -13.48 -6.35
CA PRO A 583 -16.55 -12.64 -5.35
C PRO A 583 -16.95 -11.30 -5.97
N ASN A 584 -18.11 -10.78 -5.58
CA ASN A 584 -18.59 -9.50 -6.08
C ASN A 584 -17.56 -8.39 -5.91
N HIS A 585 -17.55 -7.43 -6.83
CA HIS A 585 -16.77 -6.21 -6.66
C HIS A 585 -17.17 -5.51 -5.37
N ALA A 586 -16.25 -4.77 -4.78
CA ALA A 586 -16.51 -4.12 -3.49
C ALA A 586 -15.84 -2.76 -3.38
N VAL A 587 -16.41 -1.90 -2.55
CA VAL A 587 -15.83 -0.62 -2.23
C VAL A 587 -14.80 -0.84 -1.12
N VAL A 588 -13.62 -0.26 -1.28
CA VAL A 588 -12.60 -0.35 -0.26
C VAL A 588 -12.20 1.04 0.22
N THR A 589 -11.74 1.11 1.47
CA THR A 589 -11.32 2.36 2.08
C THR A 589 -10.27 2.13 3.17
N ARG A 590 -9.76 3.21 3.75
CA ARG A 590 -8.91 3.14 4.92
C ARG A 590 -9.72 2.73 6.13
N LYS A 591 -9.10 1.94 7.01
CA LYS A 591 -9.76 1.46 8.23
C LYS A 591 -10.32 2.59 9.08
N ASP A 592 -9.66 3.76 9.02
CA ASP A 592 -10.04 4.94 9.79
C ASP A 592 -11.17 5.74 9.13
N LYS A 593 -11.50 5.39 7.89
CA LYS A 593 -12.58 6.06 7.15
C LYS A 593 -13.80 5.16 6.94
N GLU A 594 -13.71 3.91 7.40
CA GLU A 594 -14.73 2.89 7.16
C GLU A 594 -16.16 3.30 7.54
N ALA A 595 -16.32 3.95 8.68
CA ALA A 595 -17.65 4.34 9.15
C ALA A 595 -18.27 5.49 8.34
N CYS A 596 -17.48 6.50 8.02
CA CYS A 596 -17.99 7.64 7.25
C CYS A 596 -18.36 7.22 5.82
N VAL A 597 -17.55 6.33 5.24
CA VAL A 597 -17.80 5.81 3.90
C VAL A 597 -19.08 4.97 3.86
N HIS A 598 -19.21 4.07 4.83
CA HIS A 598 -20.40 3.25 4.98
C HIS A 598 -21.67 4.10 5.07
N LYS A 599 -21.60 5.15 5.90
CA LYS A 599 -22.72 6.08 6.11
C LYS A 599 -23.08 6.87 4.85
N ILE A 600 -22.09 7.52 4.25
CA ILE A 600 -22.29 8.35 3.05
C ILE A 600 -22.89 7.57 1.87
N LEU A 601 -22.30 6.41 1.57
CA LEU A 601 -22.73 5.62 0.42
C LEU A 601 -24.15 5.07 0.53
N ARG A 602 -24.54 4.65 1.73
CA ARG A 602 -25.90 4.16 1.97
C ARG A 602 -26.91 5.28 1.70
N GLN A 603 -26.58 6.48 2.17
CA GLN A 603 -27.36 7.67 1.89
C GLN A 603 -27.39 7.96 0.40
N GLN A 604 -26.24 7.83 -0.26
CA GLN A 604 -26.10 8.14 -1.68
C GLN A 604 -26.87 7.21 -2.58
N GLN A 605 -26.86 5.91 -2.27
CA GLN A 605 -27.56 4.94 -3.10
C GLN A 605 -29.08 5.01 -2.91
N HIS A 606 -29.52 5.49 -1.75
CA HIS A 606 -30.94 5.72 -1.50
C HIS A 606 -31.48 6.82 -2.41
N LEU A 607 -30.61 7.75 -2.80
CA LEU A 607 -31.00 8.88 -3.64
C LEU A 607 -30.80 8.61 -5.14
N PHE A 608 -29.75 7.87 -5.49
CA PHE A 608 -29.40 7.67 -6.90
C PHE A 608 -29.24 6.19 -7.30
N GLY A 609 -29.98 5.30 -6.64
CA GLY A 609 -29.87 3.86 -6.89
C GLY A 609 -30.89 3.29 -7.88
N SER A 610 -31.68 2.33 -7.42
CA SER A 610 -32.66 1.67 -8.28
C SER A 610 -34.09 2.23 -8.10
N ASN A 611 -34.30 2.97 -7.01
CA ASN A 611 -35.60 3.59 -6.71
C ASN A 611 -36.04 4.62 -7.75
N VAL A 612 -35.07 5.21 -8.45
CA VAL A 612 -35.34 6.19 -9.50
C VAL A 612 -35.95 5.52 -10.74
N THR A 613 -37.16 5.96 -11.09
CA THR A 613 -37.87 5.43 -12.26
C THR A 613 -37.20 5.89 -13.57
N ASP A 614 -37.40 7.15 -13.93
CA ASP A 614 -36.81 7.71 -15.15
C ASP A 614 -35.35 8.09 -14.95
N CYS A 615 -34.48 7.34 -15.60
CA CYS A 615 -33.03 7.51 -15.46
C CYS A 615 -32.50 8.57 -16.43
N SER A 616 -33.36 9.02 -17.33
CA SER A 616 -33.03 10.11 -18.24
C SER A 616 -33.47 11.44 -17.63
N GLY A 617 -32.51 12.34 -17.42
CA GLY A 617 -32.79 13.64 -16.80
C GLY A 617 -32.34 13.69 -15.35
N ASN A 618 -32.56 12.60 -14.64
CA ASN A 618 -32.08 12.43 -13.26
C ASN A 618 -30.78 11.63 -13.22
N PHE A 619 -29.99 11.83 -12.17
CA PHE A 619 -28.72 11.13 -12.05
C PHE A 619 -28.87 9.71 -11.53
N CYS A 620 -28.24 8.77 -12.25
CA CYS A 620 -28.21 7.36 -11.86
C CYS A 620 -26.78 6.95 -11.56
N LEU A 621 -26.57 6.42 -10.35
CA LEU A 621 -25.24 6.05 -9.90
C LEU A 621 -24.74 4.76 -10.54
N PHE A 622 -25.67 3.88 -10.91
CA PHE A 622 -25.30 2.54 -11.36
C PHE A 622 -25.53 2.27 -12.85
N ARG A 623 -25.23 3.26 -13.69
CA ARG A 623 -25.34 3.10 -15.14
C ARG A 623 -24.17 3.76 -15.89
N SER A 624 -23.69 3.10 -16.95
CA SER A 624 -22.65 3.68 -17.80
C SER A 624 -23.09 4.05 -19.23
N GLU A 625 -23.72 3.13 -19.98
CA GLU A 625 -24.03 1.75 -19.57
C GLU A 625 -23.21 0.71 -20.35
N THR A 626 -21.98 1.08 -20.74
CA THR A 626 -21.10 0.22 -21.53
C THR A 626 -19.75 -0.09 -20.84
N LYS A 627 -19.24 0.88 -20.09
CA LYS A 627 -17.85 0.81 -19.63
C LYS A 627 -17.67 0.54 -18.14
N ASP A 628 -18.76 0.22 -17.45
CA ASP A 628 -18.76 0.01 -15.99
C ASP A 628 -18.03 1.13 -15.28
N LEU A 629 -18.45 2.35 -15.55
CA LEU A 629 -17.83 3.52 -14.94
C LEU A 629 -18.19 3.61 -13.45
N LEU A 630 -17.14 3.71 -12.62
CA LEU A 630 -17.25 3.77 -11.15
C LEU A 630 -17.74 2.48 -10.50
N PHE A 631 -18.88 1.98 -10.97
CA PHE A 631 -19.43 0.71 -10.51
C PHE A 631 -19.76 -0.13 -11.73
N ARG A 632 -19.91 -1.44 -11.54
CA ARG A 632 -20.37 -2.29 -12.64
C ARG A 632 -21.77 -1.87 -13.07
N ASP A 633 -22.04 -2.01 -14.36
CA ASP A 633 -23.31 -1.58 -14.94
C ASP A 633 -24.50 -2.41 -14.46
N ASP A 634 -24.24 -3.67 -14.13
CA ASP A 634 -25.27 -4.56 -13.60
C ASP A 634 -25.43 -4.49 -12.08
N THR A 635 -24.84 -3.47 -11.45
CA THR A 635 -25.00 -3.24 -10.01
C THR A 635 -26.45 -2.88 -9.67
N VAL A 636 -27.05 -3.65 -8.78
CA VAL A 636 -28.42 -3.42 -8.32
C VAL A 636 -28.40 -2.55 -7.07
N CYS A 637 -27.43 -2.84 -6.19
CA CYS A 637 -27.25 -2.08 -4.96
C CYS A 637 -25.87 -2.34 -4.34
N LEU A 638 -25.52 -1.50 -3.37
CA LEU A 638 -24.37 -1.74 -2.52
C LEU A 638 -24.83 -2.37 -1.22
N ALA A 639 -24.26 -3.52 -0.89
CA ALA A 639 -24.77 -4.34 0.21
C ALA A 639 -23.88 -4.34 1.44
N LYS A 640 -24.52 -4.43 2.60
CA LYS A 640 -23.81 -4.54 3.89
C LYS A 640 -22.90 -5.76 3.90
N LEU A 641 -21.78 -5.65 4.62
CA LEU A 641 -20.84 -6.77 4.75
C LEU A 641 -20.89 -7.41 6.14
N HIS A 642 -21.46 -6.69 7.10
CA HIS A 642 -21.50 -7.13 8.49
C HIS A 642 -20.07 -7.39 8.99
N ASP A 643 -19.72 -8.66 9.21
CA ASP A 643 -18.40 -9.00 9.75
C ASP A 643 -17.38 -9.39 8.68
N ARG A 644 -17.84 -9.53 7.44
CA ARG A 644 -16.95 -9.78 6.30
C ARG A 644 -16.19 -8.50 5.92
N ASN A 645 -15.43 -7.98 6.88
CA ASN A 645 -14.82 -6.65 6.76
C ASN A 645 -13.30 -6.62 6.55
N THR A 646 -12.72 -7.77 6.19
CA THR A 646 -11.33 -7.84 5.78
C THR A 646 -11.31 -8.51 4.42
N TYR A 647 -10.22 -8.33 3.68
CA TYR A 647 -10.12 -8.89 2.34
C TYR A 647 -10.23 -10.42 2.37
N GLU A 648 -9.67 -11.05 3.40
CA GLU A 648 -9.69 -12.51 3.50
C GLU A 648 -11.07 -13.04 3.79
N LYS A 649 -11.78 -12.39 4.72
CA LYS A 649 -13.11 -12.81 5.10
C LYS A 649 -14.16 -12.43 4.05
N TYR A 650 -13.90 -11.38 3.28
CA TYR A 650 -14.81 -11.00 2.22
C TYR A 650 -14.72 -11.93 1.00
N LEU A 651 -13.49 -12.17 0.55
CA LEU A 651 -13.23 -12.92 -0.67
C LEU A 651 -13.41 -14.42 -0.49
N GLY A 652 -13.21 -14.90 0.75
CA GLY A 652 -13.35 -16.31 1.06
C GLY A 652 -12.04 -17.05 0.92
N GLU A 653 -11.91 -18.17 1.62
CA GLU A 653 -10.68 -18.96 1.62
C GLU A 653 -10.35 -19.52 0.23
N GLU A 654 -11.40 -19.87 -0.51
CA GLU A 654 -11.25 -20.48 -1.83
C GLU A 654 -10.57 -19.55 -2.85
N TYR A 655 -11.01 -18.29 -2.92
CA TYR A 655 -10.43 -17.33 -3.86
C TYR A 655 -9.07 -16.79 -3.39
N VAL A 656 -8.86 -16.73 -2.07
CA VAL A 656 -7.61 -16.23 -1.50
C VAL A 656 -6.43 -17.16 -1.80
N LYS A 657 -6.64 -18.46 -1.65
CA LYS A 657 -5.63 -19.46 -2.02
C LYS A 657 -5.32 -19.40 -3.53
N ALA A 658 -6.38 -19.30 -4.35
CA ALA A 658 -6.26 -19.20 -5.81
C ALA A 658 -5.32 -18.10 -6.27
N VAL A 659 -5.51 -16.88 -5.74
CA VAL A 659 -4.64 -15.74 -6.03
C VAL A 659 -3.23 -15.96 -5.51
N GLY A 660 -3.14 -16.52 -4.30
CA GLY A 660 -1.85 -16.90 -3.70
C GLY A 660 -1.08 -17.92 -4.51
N ASN A 661 -1.78 -18.89 -5.10
CA ASN A 661 -1.15 -19.83 -6.03
C ASN A 661 -0.50 -19.15 -7.23
N LEU A 662 -0.91 -17.90 -7.50
CA LEU A 662 -0.35 -17.10 -8.59
C LEU A 662 0.72 -16.14 -8.12
N ARG A 663 1.05 -16.17 -6.82
CA ARG A 663 2.00 -15.22 -6.23
C ARG A 663 3.30 -15.05 -7.02
N LYS A 664 3.81 -16.15 -7.57
CA LYS A 664 5.04 -16.12 -8.36
C LYS A 664 4.88 -15.38 -9.69
N CYS A 665 3.72 -15.56 -10.32
CA CYS A 665 3.37 -14.81 -11.52
C CYS A 665 2.64 -13.53 -11.14
N SER A 666 3.35 -12.61 -10.51
CA SER A 666 2.76 -11.32 -10.22
C SER A 666 3.63 -10.25 -10.82
N THR A 667 3.07 -9.50 -11.75
CA THR A 667 3.77 -8.37 -12.33
C THR A 667 3.44 -7.08 -11.57
N SER A 668 2.51 -7.17 -10.61
CA SER A 668 2.02 -6.00 -9.86
C SER A 668 3.06 -5.34 -8.96
N SER A 669 3.54 -4.19 -9.40
CA SER A 669 4.52 -3.41 -8.65
C SER A 669 3.97 -2.89 -7.31
N LEU A 670 2.68 -2.61 -7.25
CA LEU A 670 2.04 -2.20 -6.00
C LEU A 670 2.01 -3.31 -4.95
N LEU A 671 1.68 -4.53 -5.36
CA LEU A 671 1.66 -5.68 -4.46
C LEU A 671 3.07 -5.97 -3.90
N GLU A 672 4.07 -5.92 -4.77
CA GLU A 672 5.46 -6.07 -4.36
C GLU A 672 5.84 -5.06 -3.26
N ALA A 673 5.44 -3.80 -3.46
CA ALA A 673 5.68 -2.74 -2.49
C ALA A 673 4.98 -3.00 -1.16
N CYS A 674 3.69 -3.33 -1.22
CA CYS A 674 2.91 -3.58 0.00
C CYS A 674 3.40 -4.78 0.80
N THR A 675 3.81 -5.83 0.10
CA THR A 675 4.27 -7.04 0.81
C THR A 675 5.71 -6.88 1.34
N PHE A 676 6.47 -5.96 0.76
CA PHE A 676 7.74 -5.55 1.33
C PHE A 676 7.53 -4.89 2.70
N ARG A 677 6.49 -4.04 2.81
CA ARG A 677 6.17 -3.39 4.09
C ARG A 677 5.51 -4.33 5.10
N ARG A 678 4.65 -5.23 4.61
CA ARG A 678 3.99 -6.22 5.47
C ARG A 678 4.06 -7.62 4.87
N PRO A 679 5.13 -8.37 5.18
CA PRO A 679 5.22 -9.76 4.73
C PRO A 679 4.54 -10.71 5.72
FE FE B . -14.65 -8.66 -12.01
C CO3 C . -12.93 -9.20 -13.79
O1 CO3 C . -12.06 -9.59 -14.68
O2 CO3 C . -13.24 -7.94 -13.73
O3 CO3 C . -13.51 -10.05 -12.98
BI BS3 D . 15.50 6.24 18.07
C CO3 E . 12.96 6.56 19.93
O1 CO3 E . 12.02 6.83 20.77
O2 CO3 E . 12.68 6.24 18.69
O3 CO3 E . 14.20 6.58 20.31
C1 NAG F . -29.39 -14.61 -6.96
C2 NAG F . -30.77 -15.03 -6.40
C3 NAG F . -30.82 -16.50 -5.94
C4 NAG F . -30.20 -17.41 -6.98
C5 NAG F . -28.76 -16.95 -7.27
C6 NAG F . -28.06 -17.87 -8.28
C7 NAG F . -30.54 -13.67 -4.28
C8 NAG F . -31.33 -12.82 -3.33
N2 NAG F . -31.25 -14.17 -5.31
O3 NAG F . -32.17 -16.87 -5.69
O4 NAG F . -30.22 -18.76 -6.53
O5 NAG F . -28.76 -15.62 -7.77
O6 NAG F . -28.32 -17.46 -9.61
O7 NAG F . -29.34 -13.86 -4.06
N NTA G . 16.68 7.57 15.06
C6 NTA G . 17.13 6.16 15.04
C10 NTA G . 15.28 7.68 14.60
CA NTA G . 16.90 8.30 16.34
C7 NTA G . 18.05 5.74 16.17
O8 NTA G . 17.83 4.65 16.75
O9 NTA G . 18.99 6.50 16.49
C NTA G . 15.70 9.05 16.89
C11 NTA G . 14.40 6.46 14.84
O12 NTA G . 13.71 6.08 13.87
O13 NTA G . 14.38 5.91 15.97
OXT NTA G . 14.80 8.42 17.49
O NTA G . 15.65 10.30 16.74
#